data_7WNA
#
_entry.id   7WNA
#
_cell.length_a   106.630
_cell.length_b   106.630
_cell.length_c   87.970
_cell.angle_alpha   90.000
_cell.angle_beta   90.000
_cell.angle_gamma   90.000
#
_symmetry.space_group_name_H-M   'P 41'
#
loop_
_entity.id
_entity.type
_entity.pdbx_description
1 polymer 'Isoform 4 of Bromodomain-containing protein 2'
2 non-polymer ~{N}-[4-(4-fluoranyl-2,6-dimethyl-phenoxy)-3-[2-[4-(2-hydroxyethyloxy)-3,5-dimethyl-phenyl]-5-methyl-4-oxidanylidene-furo[3,2-c]pyridin-7-yl]phenyl]ethanesulfonamide
3 non-polymer 1,2-ETHANEDIOL
4 non-polymer DI(HYDROXYETHYL)ETHER
5 water water
#
_entity_poly.entity_id   1
_entity_poly.type   'polypeptide(L)'
_entity_poly.pdbx_seq_one_letter_code
;EGDIHMKKGHHHHHHENLYFQGGSGKLSEQLKHCNGILKELLSKKHAAYAWPFYKPVDASALGLHDYHDIIKHPMDLSTV
KRKMENRDYRDAQEFAADVRLMFSNCYKYNPPDHDVVAMARKLQDVFEFRYAKMPD
;
_entity_poly.pdbx_strand_id   A,B,C,D,E,F
#
loop_
_chem_comp.id
_chem_comp.type
_chem_comp.name
_chem_comp.formula
EDO non-polymer 1,2-ETHANEDIOL 'C2 H6 O2'
JGR non-polymer ~{N}-[4-(4-fluoranyl-2,6-dimethyl-phenoxy)-3-[2-[4-(2-hydroxyethyloxy)-3,5-dimethyl-phenyl]-5-methyl-4-oxidanylidene-furo[3,2-c]pyridin-7-yl]phenyl]ethanesulfonamide 'C34 H35 F N2 O7 S'
PEG non-polymer DI(HYDROXYETHYL)ETHER 'C4 H10 O3'
#
# COMPACT_ATOMS: atom_id res chain seq x y z
N LEU A 27 -9.48 -15.53 25.47
CA LEU A 27 -8.04 -15.25 25.18
C LEU A 27 -7.89 -14.07 24.21
N SER A 28 -7.02 -13.11 24.54
CA SER A 28 -6.55 -12.09 23.56
C SER A 28 -5.54 -12.72 22.59
N GLU A 29 -5.08 -13.94 22.91
CA GLU A 29 -4.36 -14.79 21.96
C GLU A 29 -5.28 -15.17 20.79
N GLN A 30 -6.53 -15.55 21.05
CA GLN A 30 -7.44 -15.79 19.92
C GLN A 30 -7.87 -14.48 19.20
N LEU A 31 -7.90 -13.35 19.92
CA LEU A 31 -8.08 -12.04 19.26
C LEU A 31 -6.89 -11.66 18.41
N LYS A 32 -5.70 -12.07 18.84
CA LYS A 32 -4.49 -11.90 18.04
C LYS A 32 -4.70 -12.57 16.70
N HIS A 33 -5.18 -13.81 16.70
CA HIS A 33 -5.34 -14.57 15.44
C HIS A 33 -6.41 -13.92 14.54
N CYS A 34 -7.55 -13.53 15.13
CA CYS A 34 -8.60 -12.77 14.42
C CYS A 34 -8.03 -11.48 13.79
N ASN A 35 -7.09 -10.85 14.49
CA ASN A 35 -6.36 -9.74 13.90
C ASN A 35 -5.54 -10.17 12.67
N GLY A 36 -4.86 -11.30 12.75
CA GLY A 36 -4.19 -11.91 11.59
C GLY A 36 -5.15 -12.19 10.46
N ILE A 37 -6.33 -12.70 10.81
CA ILE A 37 -7.37 -12.99 9.81
C ILE A 37 -7.80 -11.73 9.09
N LEU A 38 -8.07 -10.67 9.85
CA LEU A 38 -8.51 -9.42 9.30
C LEU A 38 -7.44 -8.87 8.39
N LYS A 39 -6.23 -8.75 8.93
CA LYS A 39 -5.03 -8.33 8.15
C LYS A 39 -4.94 -9.08 6.85
N GLU A 40 -5.22 -10.36 6.90
CA GLU A 40 -5.26 -11.24 5.74
C GLU A 40 -6.45 -10.93 4.81
N LEU A 41 -7.66 -10.75 5.32
CA LEU A 41 -8.79 -10.37 4.44
C LEU A 41 -8.55 -9.04 3.72
N LEU A 42 -7.92 -8.09 4.42
CA LEU A 42 -7.59 -6.79 3.85
C LEU A 42 -6.34 -6.82 2.94
N SER A 43 -5.56 -7.89 3.01
CA SER A 43 -4.31 -8.01 2.26
C SER A 43 -4.50 -7.89 0.76
N LYS A 44 -3.41 -7.57 0.09
CA LYS A 44 -3.44 -7.25 -1.32
C LYS A 44 -3.76 -8.49 -2.16
N LYS A 45 -3.45 -9.69 -1.65
CA LYS A 45 -3.73 -10.98 -2.34
C LYS A 45 -5.17 -11.10 -2.82
N HIS A 46 -6.13 -10.73 -1.96
CA HIS A 46 -7.56 -10.95 -2.22
C HIS A 46 -8.25 -9.72 -2.80
N ALA A 47 -7.44 -8.71 -3.12
CA ALA A 47 -7.92 -7.37 -3.44
C ALA A 47 -8.94 -7.33 -4.57
N ALA A 48 -8.85 -8.22 -5.56
CA ALA A 48 -9.79 -8.29 -6.71
C ALA A 48 -11.22 -8.60 -6.34
N TYR A 49 -11.39 -9.36 -5.26
CA TYR A 49 -12.72 -9.69 -4.69
C TYR A 49 -13.04 -9.17 -3.26
N ALA A 50 -12.03 -8.74 -2.50
CA ALA A 50 -12.24 -8.14 -1.20
C ALA A 50 -12.71 -6.66 -1.22
N TRP A 51 -12.34 -5.87 -2.25
CA TRP A 51 -12.61 -4.42 -2.31
C TRP A 51 -14.04 -3.94 -1.99
N PRO A 52 -15.07 -4.69 -2.39
CA PRO A 52 -16.41 -4.18 -2.09
C PRO A 52 -16.77 -4.12 -0.60
N PHE A 53 -15.94 -4.73 0.24
CA PHE A 53 -16.20 -4.86 1.66
C PHE A 53 -15.21 -4.04 2.46
N TYR A 54 -14.37 -3.26 1.75
CA TYR A 54 -13.37 -2.42 2.38
C TYR A 54 -13.96 -1.27 3.14
N LYS A 55 -15.17 -0.85 2.76
CA LYS A 55 -15.83 0.31 3.34
C LYS A 55 -17.29 -0.05 3.41
N PRO A 56 -18.06 0.70 4.20
CA PRO A 56 -19.51 0.46 4.18
C PRO A 56 -20.12 0.70 2.78
N VAL A 57 -21.15 -0.06 2.46
CA VAL A 57 -21.95 0.16 1.28
C VAL A 57 -22.53 1.56 1.25
N ASP A 58 -22.13 2.35 0.25
CA ASP A 58 -22.64 3.70 0.08
C ASP A 58 -24.01 3.71 -0.65
N ALA A 59 -25.10 3.61 0.12
CA ALA A 59 -26.46 3.50 -0.47
C ALA A 59 -26.84 4.76 -1.28
N SER A 60 -26.59 5.94 -0.71
CA SER A 60 -26.66 7.26 -1.39
C SER A 60 -26.00 7.26 -2.77
N ALA A 61 -24.68 7.11 -2.77
CA ALA A 61 -23.87 7.10 -3.97
C ALA A 61 -24.37 6.10 -5.02
N LEU A 62 -24.75 4.90 -4.57
CA LEU A 62 -25.11 3.80 -5.47
C LEU A 62 -26.60 3.78 -5.81
N GLY A 63 -27.36 4.68 -5.21
CA GLY A 63 -28.79 4.78 -5.51
C GLY A 63 -29.64 3.69 -4.91
N LEU A 64 -29.17 3.09 -3.80
CA LEU A 64 -29.88 2.00 -3.15
C LEU A 64 -30.79 2.53 -2.08
N HIS A 65 -31.96 3.02 -2.50
CA HIS A 65 -32.95 3.63 -1.60
C HIS A 65 -33.66 2.64 -0.68
N ASP A 66 -33.51 1.33 -0.94
CA ASP A 66 -34.02 0.27 -0.04
C ASP A 66 -32.94 -0.50 0.78
N TYR A 67 -31.67 -0.14 0.63
CA TYR A 67 -30.60 -0.85 1.35
C TYR A 67 -30.78 -0.83 2.86
N HIS A 68 -31.04 0.33 3.43
CA HIS A 68 -31.14 0.42 4.87
C HIS A 68 -32.45 -0.09 5.46
N ASP A 69 -33.50 -0.21 4.65
CA ASP A 69 -34.74 -0.86 5.06
C ASP A 69 -34.57 -2.37 5.16
N ILE A 70 -33.80 -2.94 4.27
CA ILE A 70 -33.64 -4.36 4.12
C ILE A 70 -32.50 -4.81 5.03
N ILE A 71 -31.38 -4.12 4.96
CA ILE A 71 -30.25 -4.36 5.82
C ILE A 71 -30.27 -3.47 7.09
N LYS A 72 -30.64 -4.05 8.25
CA LYS A 72 -30.77 -3.28 9.50
C LYS A 72 -29.45 -3.03 10.26
N HIS A 73 -28.44 -3.89 10.08
CA HIS A 73 -27.15 -3.78 10.78
C HIS A 73 -26.02 -3.98 9.79
N PRO A 74 -25.68 -2.92 9.04
CA PRO A 74 -24.67 -3.00 8.01
C PRO A 74 -23.33 -3.25 8.62
N MET A 75 -22.47 -3.90 7.87
CA MET A 75 -21.13 -4.25 8.31
C MET A 75 -20.23 -4.41 7.10
N ASP A 76 -18.95 -4.11 7.31
CA ASP A 76 -17.90 -4.07 6.31
C ASP A 76 -16.58 -4.17 7.10
N LEU A 77 -15.45 -4.25 6.40
CA LEU A 77 -14.15 -4.54 7.03
C LEU A 77 -13.47 -3.35 7.71
N SER A 78 -13.82 -2.14 7.29
CA SER A 78 -13.29 -0.95 7.94
C SER A 78 -13.83 -0.95 9.38
N THR A 79 -15.15 -1.18 9.47
CA THR A 79 -15.81 -1.17 10.76
C THR A 79 -15.26 -2.22 11.70
N VAL A 80 -14.96 -3.39 11.12
CA VAL A 80 -14.44 -4.50 11.87
C VAL A 80 -13.09 -4.11 12.38
N LYS A 81 -12.25 -3.54 11.53
CA LYS A 81 -10.95 -3.11 11.97
C LYS A 81 -11.06 -2.09 13.08
N ARG A 82 -12.00 -1.15 12.97
CA ARG A 82 -12.09 -0.09 13.98
C ARG A 82 -12.48 -0.64 15.33
N LYS A 83 -13.45 -1.55 15.32
CA LYS A 83 -13.84 -2.34 16.52
C LYS A 83 -12.69 -3.22 17.10
N MET A 84 -11.77 -3.68 16.25
CA MET A 84 -10.65 -4.52 16.68
C MET A 84 -9.64 -3.62 17.39
N GLU A 85 -9.33 -2.52 16.73
CA GLU A 85 -8.54 -1.51 17.38
C GLU A 85 -9.25 -0.94 18.62
N ASN A 86 -10.57 -0.74 18.61
CA ASN A 86 -11.24 -0.27 19.84
C ASN A 86 -11.33 -1.32 20.93
N ARG A 87 -11.11 -2.57 20.54
CA ARG A 87 -11.16 -3.72 21.45
C ARG A 87 -12.57 -3.96 21.91
N ASP A 88 -13.51 -3.77 21.00
CA ASP A 88 -14.92 -4.04 21.23
C ASP A 88 -15.21 -5.56 21.24
N TYR A 89 -14.37 -6.39 20.63
CA TYR A 89 -14.64 -7.83 20.59
C TYR A 89 -14.19 -8.50 21.89
N ARG A 90 -15.14 -9.07 22.63
CA ARG A 90 -14.82 -9.89 23.80
C ARG A 90 -14.00 -11.14 23.42
N ASP A 91 -14.39 -11.82 22.34
CA ASP A 91 -13.78 -13.08 21.93
C ASP A 91 -13.74 -13.18 20.40
N ALA A 92 -13.18 -14.29 19.90
CA ALA A 92 -13.14 -14.59 18.49
C ALA A 92 -14.52 -14.80 17.87
N GLN A 93 -15.45 -15.38 18.63
CA GLN A 93 -16.83 -15.64 18.19
CA GLN A 93 -16.79 -15.66 18.10
C GLN A 93 -17.53 -14.36 17.76
N GLU A 94 -17.30 -13.29 18.54
CA GLU A 94 -17.90 -11.98 18.31
C GLU A 94 -17.40 -11.32 17.02
N PHE A 95 -16.09 -11.40 16.80
CA PHE A 95 -15.45 -11.00 15.54
C PHE A 95 -16.09 -11.73 14.34
N ALA A 96 -16.30 -13.01 14.51
CA ALA A 96 -16.81 -13.87 13.47
C ALA A 96 -18.25 -13.55 13.11
N ALA A 97 -19.06 -13.23 14.12
CA ALA A 97 -20.44 -12.84 13.93
C ALA A 97 -20.54 -11.58 13.07
N ASP A 98 -19.62 -10.62 13.29
CA ASP A 98 -19.54 -9.38 12.49
C ASP A 98 -19.11 -9.68 11.08
N VAL A 99 -17.97 -10.38 10.93
CA VAL A 99 -17.48 -10.71 9.60
C VAL A 99 -18.54 -11.49 8.85
N ARG A 100 -19.29 -12.34 9.57
CA ARG A 100 -20.40 -13.08 8.95
C ARG A 100 -21.61 -12.23 8.65
N LEU A 101 -21.86 -11.20 9.45
CA LEU A 101 -22.98 -10.32 9.24
C LEU A 101 -22.75 -9.58 7.90
N MET A 102 -21.51 -9.12 7.72
CA MET A 102 -21.10 -8.57 6.43
C MET A 102 -21.50 -9.41 5.22
N PHE A 103 -21.15 -10.70 5.25
CA PHE A 103 -21.49 -11.58 4.13
C PHE A 103 -23.00 -11.81 4.06
N SER A 104 -23.64 -12.15 5.15
CA SER A 104 -25.10 -12.37 5.09
C SER A 104 -25.81 -11.17 4.53
N ASN A 105 -25.54 -9.99 5.08
CA ASN A 105 -26.07 -8.72 4.57
C ASN A 105 -25.97 -8.68 3.03
N CYS A 106 -24.81 -9.06 2.50
CA CYS A 106 -24.58 -9.07 1.07
C CYS A 106 -25.45 -10.09 0.32
N TYR A 107 -25.63 -11.28 0.91
CA TYR A 107 -26.41 -12.36 0.31
C TYR A 107 -27.89 -12.04 0.39
N LYS A 108 -28.30 -11.37 1.45
CA LYS A 108 -29.67 -10.94 1.68
C LYS A 108 -30.16 -9.89 0.65
N TYR A 109 -29.38 -8.83 0.45
CA TYR A 109 -29.81 -7.70 -0.38
C TYR A 109 -29.83 -8.09 -1.85
N ASN A 110 -28.75 -8.71 -2.28
CA ASN A 110 -28.50 -8.94 -3.68
C ASN A 110 -29.17 -10.22 -4.14
N PRO A 111 -29.49 -10.29 -5.44
CA PRO A 111 -29.82 -11.57 -6.05
C PRO A 111 -28.52 -12.34 -6.34
N PRO A 112 -28.58 -13.69 -6.39
CA PRO A 112 -27.34 -14.49 -6.39
C PRO A 112 -26.44 -14.36 -7.62
N ASP A 113 -27.01 -14.00 -8.76
CA ASP A 113 -26.24 -13.78 -10.00
C ASP A 113 -25.22 -12.62 -10.01
N HIS A 114 -25.43 -11.62 -9.13
CA HIS A 114 -24.65 -10.36 -9.13
C HIS A 114 -23.18 -10.60 -8.84
N ASP A 115 -22.29 -9.89 -9.54
CA ASP A 115 -20.84 -10.03 -9.30
C ASP A 115 -20.53 -10.10 -7.79
N VAL A 116 -21.14 -9.20 -6.98
CA VAL A 116 -20.76 -8.99 -5.58
C VAL A 116 -21.05 -10.22 -4.68
N VAL A 117 -22.11 -10.97 -4.99
CA VAL A 117 -22.33 -12.25 -4.33
C VAL A 117 -21.18 -13.20 -4.64
N ALA A 118 -20.71 -13.24 -5.86
CA ALA A 118 -19.58 -14.13 -6.17
C ALA A 118 -18.30 -13.72 -5.46
N MET A 119 -18.10 -12.43 -5.26
CA MET A 119 -16.91 -11.93 -4.54
C MET A 119 -17.06 -12.17 -3.01
N ALA A 120 -18.27 -12.03 -2.47
CA ALA A 120 -18.52 -12.35 -1.07
C ALA A 120 -18.05 -13.80 -0.74
N ARG A 121 -18.66 -14.76 -1.43
CA ARG A 121 -18.33 -16.21 -1.32
C ARG A 121 -16.84 -16.51 -1.45
N LYS A 122 -16.21 -15.90 -2.43
CA LYS A 122 -14.76 -16.04 -2.59
C LYS A 122 -14.02 -15.62 -1.30
N LEU A 123 -14.29 -14.41 -0.81
CA LEU A 123 -13.62 -13.90 0.38
C LEU A 123 -14.07 -14.61 1.64
N GLN A 124 -15.34 -14.97 1.69
CA GLN A 124 -15.82 -15.73 2.84
C GLN A 124 -15.13 -17.10 2.91
N ASP A 125 -14.74 -17.67 1.77
CA ASP A 125 -13.95 -18.92 1.79
C ASP A 125 -12.61 -18.73 2.46
N VAL A 126 -11.97 -17.60 2.25
CA VAL A 126 -10.70 -17.28 2.95
C VAL A 126 -11.03 -17.13 4.44
N PHE A 127 -12.09 -16.41 4.75
CA PHE A 127 -12.45 -16.21 6.13
C PHE A 127 -12.72 -17.52 6.85
N GLU A 128 -13.59 -18.34 6.27
CA GLU A 128 -14.02 -19.57 6.92
C GLU A 128 -12.85 -20.56 7.14
N PHE A 129 -11.92 -20.57 6.19
CA PHE A 129 -10.70 -21.37 6.23
C PHE A 129 -9.82 -20.90 7.37
N ARG A 130 -9.44 -19.63 7.31
CA ARG A 130 -8.51 -19.05 8.29
C ARG A 130 -9.10 -19.06 9.70
N TYR A 131 -10.43 -18.88 9.82
CA TYR A 131 -11.06 -18.93 11.13
C TYR A 131 -10.95 -20.33 11.65
N ALA A 132 -11.23 -21.30 10.79
CA ALA A 132 -11.18 -22.71 11.16
C ALA A 132 -9.80 -23.17 11.57
N LYS A 133 -8.74 -22.67 10.94
CA LYS A 133 -7.34 -23.02 11.31
C LYS A 133 -6.83 -22.30 12.57
N MET A 134 -7.70 -22.02 13.53
CA MET A 134 -7.34 -21.19 14.65
C MET A 134 -7.08 -22.07 15.83
N PRO A 135 -5.91 -21.92 16.45
CA PRO A 135 -5.75 -22.39 17.83
C PRO A 135 -6.67 -21.65 18.81
N GLU B 29 -22.34 30.28 -19.24
CA GLU B 29 -23.10 30.05 -20.52
C GLU B 29 -23.01 28.56 -20.84
N GLN B 30 -21.87 28.17 -21.41
CA GLN B 30 -21.63 26.79 -21.76
C GLN B 30 -21.00 26.09 -20.54
N LEU B 31 -20.10 26.79 -19.86
CA LEU B 31 -19.67 26.39 -18.50
C LEU B 31 -20.85 26.00 -17.59
N LYS B 32 -21.91 26.80 -17.61
CA LYS B 32 -23.11 26.48 -16.81
C LYS B 32 -23.81 25.17 -17.30
N HIS B 33 -23.80 24.93 -18.61
CA HIS B 33 -24.31 23.66 -19.16
C HIS B 33 -23.42 22.47 -18.75
N CYS B 34 -22.10 22.70 -18.73
CA CYS B 34 -21.12 21.69 -18.29
C CYS B 34 -21.34 21.18 -16.87
N ASN B 35 -21.74 22.09 -15.96
CA ASN B 35 -22.21 21.68 -14.62
C ASN B 35 -23.32 20.65 -14.73
N GLY B 36 -24.42 21.01 -15.40
CA GLY B 36 -25.56 20.11 -15.54
C GLY B 36 -25.27 18.74 -16.16
N ILE B 37 -24.20 18.67 -16.95
CA ILE B 37 -23.72 17.38 -17.43
C ILE B 37 -22.96 16.67 -16.30
N LEU B 38 -22.04 17.41 -15.66
CA LEU B 38 -21.28 16.90 -14.49
C LEU B 38 -22.25 16.39 -13.40
N LYS B 39 -23.28 17.19 -13.11
CA LYS B 39 -24.42 16.76 -12.26
C LYS B 39 -25.11 15.49 -12.76
N GLU B 40 -25.55 15.48 -14.02
CA GLU B 40 -26.18 14.31 -14.65
C GLU B 40 -25.35 13.01 -14.52
N LEU B 41 -24.01 13.09 -14.58
CA LEU B 41 -23.15 11.89 -14.41
C LEU B 41 -22.93 11.45 -12.95
N LEU B 42 -22.68 12.46 -12.08
CA LEU B 42 -22.69 12.28 -10.61
C LEU B 42 -24.05 11.87 -10.09
N SER B 43 -25.10 12.19 -10.84
CA SER B 43 -26.48 11.75 -10.55
C SER B 43 -26.58 10.24 -10.38
N LYS B 44 -27.68 9.85 -9.75
CA LYS B 44 -27.94 8.47 -9.37
C LYS B 44 -28.55 7.64 -10.47
N LYS B 45 -28.94 8.25 -11.60
CA LYS B 45 -29.66 7.49 -12.64
C LYS B 45 -28.75 6.59 -13.47
N HIS B 46 -27.44 6.88 -13.41
CA HIS B 46 -26.34 6.06 -13.97
C HIS B 46 -25.34 5.59 -12.90
N ALA B 47 -25.71 5.68 -11.61
CA ALA B 47 -24.85 5.14 -10.54
C ALA B 47 -24.40 3.68 -10.73
N ALA B 48 -25.18 2.85 -11.41
CA ALA B 48 -24.81 1.44 -11.63
C ALA B 48 -23.57 1.18 -12.50
N TYR B 49 -23.23 2.13 -13.37
CA TYR B 49 -22.00 2.07 -14.21
C TYR B 49 -21.09 3.30 -14.01
N ALA B 50 -21.60 4.37 -13.40
CA ALA B 50 -20.78 5.54 -13.04
C ALA B 50 -19.90 5.39 -11.78
N TRP B 51 -20.20 4.41 -10.90
CA TRP B 51 -19.56 4.34 -9.54
C TRP B 51 -18.03 4.21 -9.56
N PRO B 52 -17.47 3.47 -10.53
CA PRO B 52 -16.02 3.35 -10.51
C PRO B 52 -15.24 4.61 -10.82
N PHE B 53 -15.91 5.77 -10.88
CA PHE B 53 -15.36 7.08 -11.28
C PHE B 53 -15.74 8.21 -10.35
N TYR B 54 -16.52 7.89 -9.30
CA TYR B 54 -16.91 8.89 -8.28
C TYR B 54 -15.71 9.44 -7.47
N LYS B 55 -14.74 8.56 -7.21
CA LYS B 55 -13.52 8.88 -6.46
C LYS B 55 -12.34 8.44 -7.33
N PRO B 56 -11.13 8.93 -7.00
CA PRO B 56 -9.95 8.52 -7.75
C PRO B 56 -9.70 7.03 -7.61
N VAL B 57 -9.08 6.40 -8.59
CA VAL B 57 -8.71 5.00 -8.49
C VAL B 57 -7.83 4.96 -7.27
N ASP B 58 -8.13 4.06 -6.32
CA ASP B 58 -7.22 3.73 -5.22
C ASP B 58 -6.29 2.54 -5.59
N ALA B 59 -5.19 2.83 -6.28
CA ALA B 59 -4.28 1.79 -6.71
C ALA B 59 -3.72 0.92 -5.55
N SER B 60 -3.43 1.58 -4.42
CA SER B 60 -3.02 0.93 -3.17
C SER B 60 -4.06 -0.11 -2.70
N ALA B 61 -5.30 0.33 -2.40
CA ALA B 61 -6.37 -0.61 -1.98
C ALA B 61 -6.63 -1.73 -2.97
N LEU B 62 -6.59 -1.41 -4.26
CA LEU B 62 -6.86 -2.39 -5.33
C LEU B 62 -5.66 -3.25 -5.62
N GLY B 63 -4.55 -2.95 -4.97
CA GLY B 63 -3.35 -3.73 -5.12
C GLY B 63 -2.88 -3.60 -6.53
N LEU B 64 -2.84 -2.36 -7.01
CA LEU B 64 -2.36 -2.03 -8.35
C LEU B 64 -1.06 -1.28 -8.24
N HIS B 65 0.02 -2.01 -8.44
CA HIS B 65 1.36 -1.47 -8.24
C HIS B 65 1.72 -0.54 -9.40
N ASP B 66 1.44 -0.97 -10.64
CA ASP B 66 1.80 -0.18 -11.84
C ASP B 66 0.82 0.92 -12.27
N TYR B 67 -0.26 1.19 -11.50
CA TYR B 67 -1.28 2.15 -11.95
C TYR B 67 -0.64 3.53 -12.25
N HIS B 68 0.21 4.00 -11.37
CA HIS B 68 0.80 5.32 -11.56
C HIS B 68 2.02 5.29 -12.47
N ASP B 69 2.68 4.15 -12.64
CA ASP B 69 3.73 4.05 -13.67
C ASP B 69 3.07 4.28 -15.06
N ILE B 70 1.84 3.79 -15.22
CA ILE B 70 1.15 3.80 -16.49
C ILE B 70 0.24 5.02 -16.70
N ILE B 71 -0.29 5.60 -15.62
CA ILE B 71 -1.26 6.73 -15.71
C ILE B 71 -0.63 8.00 -15.16
N LYS B 72 -0.15 8.86 -16.07
CA LYS B 72 0.58 10.04 -15.63
C LYS B 72 -0.30 11.08 -14.99
N HIS B 73 -1.59 11.12 -15.34
CA HIS B 73 -2.54 12.14 -14.85
C HIS B 73 -3.93 11.56 -14.53
N PRO B 74 -4.10 11.01 -13.31
CA PRO B 74 -5.39 10.40 -12.96
C PRO B 74 -6.48 11.45 -12.98
N MET B 75 -7.71 11.02 -13.23
CA MET B 75 -8.87 11.90 -13.18
C MET B 75 -10.04 11.09 -12.81
N ASP B 76 -11.01 11.75 -12.20
CA ASP B 76 -12.23 11.08 -11.85
C ASP B 76 -13.22 12.18 -11.60
N LEU B 77 -14.49 11.80 -11.46
CA LEU B 77 -15.55 12.80 -11.37
C LEU B 77 -15.42 13.79 -10.21
N SER B 78 -15.13 13.31 -9.00
CA SER B 78 -14.95 14.21 -7.85
C SER B 78 -13.92 15.29 -8.14
N THR B 79 -12.79 14.88 -8.72
CA THR B 79 -11.72 15.80 -9.17
C THR B 79 -12.19 16.82 -10.22
N VAL B 80 -13.19 16.45 -11.04
CA VAL B 80 -13.80 17.36 -12.02
C VAL B 80 -14.67 18.36 -11.26
N LYS B 81 -15.55 17.86 -10.37
CA LYS B 81 -16.33 18.69 -9.41
C LYS B 81 -15.43 19.71 -8.63
N ARG B 82 -14.32 19.24 -8.08
CA ARG B 82 -13.34 20.14 -7.46
C ARG B 82 -12.94 21.26 -8.42
N LYS B 83 -12.47 20.90 -9.61
CA LYS B 83 -11.94 21.92 -10.52
C LYS B 83 -13.00 22.91 -11.01
N MET B 84 -14.25 22.44 -11.06
CA MET B 84 -15.43 23.25 -11.41
C MET B 84 -15.67 24.39 -10.41
N GLU B 85 -15.76 24.04 -9.14
CA GLU B 85 -16.00 25.02 -8.06
C GLU B 85 -14.85 26.03 -7.88
N ASN B 86 -13.59 25.60 -8.07
CA ASN B 86 -12.44 26.52 -8.13
C ASN B 86 -12.41 27.39 -9.42
N ARG B 87 -13.22 27.04 -10.42
CA ARG B 87 -13.35 27.79 -11.70
C ARG B 87 -12.11 27.57 -12.56
N ASP B 88 -11.48 26.40 -12.43
CA ASP B 88 -10.21 26.10 -13.13
C ASP B 88 -10.41 25.78 -14.61
N TYR B 89 -11.64 25.45 -14.98
CA TYR B 89 -12.01 25.32 -16.37
C TYR B 89 -12.47 26.69 -16.81
N ARG B 90 -11.81 27.26 -17.81
CA ARG B 90 -12.27 28.50 -18.46
C ARG B 90 -13.42 28.15 -19.43
N ASP B 91 -13.11 27.31 -20.39
CA ASP B 91 -14.08 26.91 -21.40
C ASP B 91 -14.64 25.53 -21.04
N ALA B 92 -15.51 25.02 -21.91
CA ALA B 92 -15.97 23.63 -21.90
C ALA B 92 -14.93 22.64 -22.49
N GLN B 93 -14.00 23.14 -23.31
CA GLN B 93 -12.92 22.33 -23.88
C GLN B 93 -12.04 21.72 -22.78
N GLU B 94 -11.74 22.53 -21.75
CA GLU B 94 -10.96 22.07 -20.60
C GLU B 94 -11.70 21.05 -19.74
N PHE B 95 -13.00 21.29 -19.51
CA PHE B 95 -13.91 20.32 -18.81
C PHE B 95 -14.04 18.97 -19.55
N ALA B 96 -14.29 19.04 -20.84
CA ALA B 96 -14.46 17.83 -21.62
C ALA B 96 -13.18 17.03 -21.65
N ALA B 97 -12.05 17.74 -21.69
CA ALA B 97 -10.72 17.11 -21.69
C ALA B 97 -10.41 16.28 -20.44
N ASP B 98 -10.87 16.76 -19.27
CA ASP B 98 -10.62 16.03 -18.03
C ASP B 98 -11.55 14.84 -17.95
N VAL B 99 -12.81 15.04 -18.31
CA VAL B 99 -13.76 13.95 -18.36
C VAL B 99 -13.27 12.90 -19.36
N ARG B 100 -12.79 13.33 -20.52
CA ARG B 100 -12.24 12.40 -21.50
C ARG B 100 -10.97 11.75 -21.00
N LEU B 101 -10.19 12.47 -20.18
CA LEU B 101 -8.97 11.92 -19.62
C LEU B 101 -9.31 10.83 -18.64
N MET B 102 -10.29 11.09 -17.79
CA MET B 102 -10.79 10.05 -16.90
C MET B 102 -11.07 8.74 -17.67
N PHE B 103 -11.77 8.85 -18.80
CA PHE B 103 -12.12 7.69 -19.61
C PHE B 103 -10.89 7.08 -20.27
N SER B 104 -10.05 7.92 -20.87
CA SER B 104 -8.80 7.41 -21.51
C SER B 104 -7.84 6.71 -20.55
N ASN B 105 -7.73 7.20 -19.31
CA ASN B 105 -6.93 6.49 -18.28
C ASN B 105 -7.39 5.04 -18.10
N CYS B 106 -8.72 4.90 -18.01
CA CYS B 106 -9.36 3.63 -17.86
C CYS B 106 -9.16 2.77 -19.09
N TYR B 107 -9.38 3.30 -20.28
CA TYR B 107 -9.07 2.50 -21.48
C TYR B 107 -7.59 2.21 -21.63
N LYS B 108 -6.73 3.10 -21.18
CA LYS B 108 -5.26 2.86 -21.20
C LYS B 108 -4.85 1.78 -20.20
N TYR B 109 -5.22 1.92 -18.93
CA TYR B 109 -4.77 0.93 -17.95
C TYR B 109 -5.31 -0.46 -18.24
N ASN B 110 -6.60 -0.53 -18.48
CA ASN B 110 -7.28 -1.82 -18.47
C ASN B 110 -7.33 -2.56 -19.80
N PRO B 111 -7.41 -3.89 -19.73
CA PRO B 111 -7.65 -4.64 -20.97
C PRO B 111 -9.15 -4.53 -21.39
N PRO B 112 -9.44 -4.63 -22.71
CA PRO B 112 -10.83 -4.42 -23.23
C PRO B 112 -11.95 -5.32 -22.66
N ASP B 113 -11.58 -6.54 -22.30
CA ASP B 113 -12.44 -7.51 -21.60
C ASP B 113 -12.99 -7.08 -20.22
N HIS B 114 -12.24 -6.26 -19.47
CA HIS B 114 -12.56 -5.92 -18.06
C HIS B 114 -13.87 -5.16 -17.94
N ASP B 115 -14.68 -5.52 -16.95
CA ASP B 115 -15.98 -4.88 -16.70
C ASP B 115 -15.95 -3.36 -16.42
N VAL B 116 -14.78 -2.77 -16.10
CA VAL B 116 -14.65 -1.33 -15.88
C VAL B 116 -14.56 -0.55 -17.22
N VAL B 117 -14.00 -1.18 -18.25
CA VAL B 117 -13.98 -0.61 -19.59
C VAL B 117 -15.41 -0.57 -20.14
N ALA B 118 -16.19 -1.63 -19.93
CA ALA B 118 -17.59 -1.63 -20.37
C ALA B 118 -18.46 -0.53 -19.74
N MET B 119 -18.25 -0.22 -18.46
CA MET B 119 -18.98 0.87 -17.74
C MET B 119 -18.46 2.28 -18.11
N ALA B 120 -17.16 2.37 -18.40
CA ALA B 120 -16.56 3.59 -18.95
C ALA B 120 -17.22 3.91 -20.29
N ARG B 121 -17.34 2.89 -21.14
CA ARG B 121 -18.02 3.06 -22.42
C ARG B 121 -19.49 3.44 -22.30
N LYS B 122 -20.21 2.88 -21.34
CA LYS B 122 -21.61 3.31 -21.06
C LYS B 122 -21.70 4.71 -20.51
N LEU B 123 -20.78 5.05 -19.60
CA LEU B 123 -20.82 6.35 -18.99
C LEU B 123 -20.36 7.38 -20.01
N GLN B 124 -19.29 7.06 -20.73
CA GLN B 124 -18.83 7.94 -21.82
C GLN B 124 -19.91 8.22 -22.90
N ASP B 125 -20.64 7.19 -23.33
CA ASP B 125 -21.78 7.37 -24.24
C ASP B 125 -22.73 8.41 -23.65
N VAL B 126 -23.04 8.33 -22.37
CA VAL B 126 -23.95 9.30 -21.77
C VAL B 126 -23.33 10.69 -21.96
N PHE B 127 -22.11 10.86 -21.46
CA PHE B 127 -21.37 12.15 -21.55
C PHE B 127 -21.26 12.77 -22.96
N GLU B 128 -20.78 11.98 -23.91
CA GLU B 128 -20.52 12.52 -25.24
C GLU B 128 -21.82 13.03 -25.85
N PHE B 129 -22.90 12.31 -25.59
CA PHE B 129 -24.20 12.70 -26.08
C PHE B 129 -24.65 14.01 -25.45
N ARG B 130 -24.50 14.09 -24.14
CA ARG B 130 -24.98 15.28 -23.41
C ARG B 130 -24.13 16.49 -23.79
N TYR B 131 -22.83 16.26 -23.97
CA TYR B 131 -21.90 17.31 -24.41
C TYR B 131 -22.19 17.79 -25.84
N ALA B 132 -22.52 16.85 -26.73
CA ALA B 132 -22.86 17.20 -28.12
C ALA B 132 -24.07 18.16 -28.21
N LYS B 133 -25.10 17.94 -27.37
CA LYS B 133 -26.29 18.86 -27.30
C LYS B 133 -26.04 20.24 -26.63
N MET B 134 -24.79 20.64 -26.47
CA MET B 134 -24.52 21.95 -25.91
C MET B 134 -24.82 23.04 -26.92
N PRO B 135 -25.60 24.07 -26.51
CA PRO B 135 -25.63 25.32 -27.27
C PRO B 135 -24.34 26.13 -27.11
N LEU C 27 23.47 1.62 -7.05
CA LEU C 27 23.74 0.61 -5.98
C LEU C 27 22.44 0.21 -5.24
N SER C 28 22.28 -1.09 -5.02
CA SER C 28 21.21 -1.60 -4.15
C SER C 28 21.46 -1.28 -2.68
N GLU C 29 22.72 -1.07 -2.29
CA GLU C 29 23.08 -0.70 -0.91
C GLU C 29 22.49 0.67 -0.55
N GLN C 30 22.61 1.61 -1.50
CA GLN C 30 21.99 2.93 -1.37
C GLN C 30 20.52 2.81 -1.07
N LEU C 31 19.81 2.13 -1.96
CA LEU C 31 18.37 2.05 -1.88
C LEU C 31 17.92 1.26 -0.65
N LYS C 32 18.65 0.22 -0.29
CA LYS C 32 18.39 -0.48 0.97
C LYS C 32 18.50 0.52 2.15
N HIS C 33 19.52 1.36 2.15
CA HIS C 33 19.69 2.37 3.22
C HIS C 33 18.61 3.47 3.14
N CYS C 34 18.21 3.86 1.93
CA CYS C 34 17.11 4.80 1.72
C CYS C 34 15.81 4.25 2.32
N ASN C 35 15.54 2.99 2.02
CA ASN C 35 14.44 2.25 2.65
C ASN C 35 14.50 2.33 4.17
N GLY C 36 15.71 2.15 4.71
CA GLY C 36 15.97 2.33 6.15
C GLY C 36 15.63 3.70 6.65
N ILE C 37 15.86 4.74 5.82
CA ILE C 37 15.56 6.14 6.20
C ILE C 37 14.04 6.35 6.24
N LEU C 38 13.39 5.88 5.18
CA LEU C 38 11.95 5.95 5.07
C LEU C 38 11.27 5.26 6.20
N LYS C 39 11.75 4.06 6.51
CA LYS C 39 11.35 3.35 7.73
C LYS C 39 11.51 4.22 8.98
N GLU C 40 12.66 4.87 9.15
CA GLU C 40 12.89 5.75 10.31
C GLU C 40 11.96 7.00 10.32
N LEU C 41 11.65 7.57 9.16
CA LEU C 41 10.70 8.73 9.09
C LEU C 41 9.24 8.38 9.46
N LEU C 42 8.80 7.21 9.01
CA LEU C 42 7.50 6.62 9.41
C LEU C 42 7.43 6.12 10.87
N SER C 43 8.57 5.99 11.53
CA SER C 43 8.64 5.27 12.80
C SER C 43 7.95 5.98 13.97
N LYS C 44 7.74 5.19 15.02
CA LYS C 44 7.16 5.67 16.26
C LYS C 44 7.71 6.99 16.70
N LYS C 45 9.03 7.07 16.68
CA LYS C 45 9.76 8.13 17.41
C LYS C 45 9.52 9.54 16.88
N HIS C 46 9.18 9.65 15.58
CA HIS C 46 8.89 10.93 14.94
C HIS C 46 7.42 11.15 14.62
N ALA C 47 6.55 10.36 15.25
CA ALA C 47 5.10 10.48 15.03
C ALA C 47 4.55 11.92 15.20
N ALA C 48 5.00 12.62 16.25
CA ALA C 48 4.50 13.94 16.61
C ALA C 48 4.53 14.98 15.50
N TYR C 49 5.61 14.95 14.72
CA TYR C 49 5.82 15.92 13.60
C TYR C 49 5.82 15.29 12.20
N ALA C 50 5.83 13.97 12.08
CA ALA C 50 5.81 13.30 10.79
C ALA C 50 4.41 13.07 10.23
N TRP C 51 3.41 12.95 11.13
CA TRP C 51 2.01 12.57 10.74
C TRP C 51 1.40 13.40 9.62
N PRO C 52 1.66 14.71 9.58
CA PRO C 52 1.10 15.44 8.44
C PRO C 52 1.48 14.94 7.04
N PHE C 53 2.48 14.05 6.95
CA PHE C 53 3.08 13.58 5.73
C PHE C 53 2.91 12.10 5.54
N TYR C 54 2.10 11.44 6.36
CA TYR C 54 1.86 9.98 6.20
C TYR C 54 0.97 9.60 5.00
N LYS C 55 0.28 10.57 4.41
CA LYS C 55 -0.70 10.32 3.37
C LYS C 55 -0.76 11.55 2.54
N PRO C 56 -1.34 11.47 1.35
CA PRO C 56 -1.37 12.71 0.60
C PRO C 56 -2.12 13.80 1.38
N VAL C 57 -1.88 15.05 1.04
CA VAL C 57 -2.69 16.14 1.58
C VAL C 57 -4.10 15.96 1.03
N ASP C 58 -5.09 15.77 1.94
CA ASP C 58 -6.52 15.73 1.58
C ASP C 58 -7.09 17.18 1.44
N ALA C 59 -6.85 17.76 0.28
CA ALA C 59 -7.22 19.15 0.01
C ALA C 59 -8.71 19.46 0.09
N SER C 60 -9.55 18.54 -0.39
CA SER C 60 -11.01 18.71 -0.27
C SER C 60 -11.45 18.59 1.21
N ALA C 61 -10.98 17.57 1.92
CA ALA C 61 -11.23 17.48 3.37
C ALA C 61 -10.81 18.74 4.15
N LEU C 62 -9.66 19.31 3.81
CA LEU C 62 -9.15 20.47 4.54
C LEU C 62 -9.72 21.83 4.10
N GLY C 63 -10.59 21.81 3.10
CA GLY C 63 -11.14 23.05 2.56
C GLY C 63 -10.14 23.88 1.77
N LEU C 64 -9.16 23.23 1.14
CA LEU C 64 -8.06 23.93 0.44
C LEU C 64 -8.34 23.99 -1.04
N HIS C 65 -9.06 25.02 -1.44
CA HIS C 65 -9.57 25.12 -2.81
C HIS C 65 -8.40 25.26 -3.83
N ASP C 66 -7.41 26.09 -3.48
CA ASP C 66 -6.26 26.35 -4.34
C ASP C 66 -5.03 25.41 -4.16
N TYR C 67 -5.16 24.28 -3.45
CA TYR C 67 -3.99 23.42 -3.18
C TYR C 67 -3.32 22.90 -4.44
N HIS C 68 -4.09 22.22 -5.28
CA HIS C 68 -3.55 21.59 -6.49
C HIS C 68 -3.31 22.52 -7.71
N ASP C 69 -3.66 23.81 -7.60
CA ASP C 69 -3.18 24.81 -8.56
C ASP C 69 -1.83 25.37 -8.15
N ILE C 70 -1.55 25.36 -6.85
CA ILE C 70 -0.28 25.81 -6.31
C ILE C 70 0.76 24.67 -6.30
N ILE C 71 0.32 23.45 -5.93
CA ILE C 71 1.19 22.26 -5.85
C ILE C 71 0.99 21.32 -7.02
N LYS C 72 1.83 21.44 -8.05
CA LYS C 72 1.65 20.67 -9.28
C LYS C 72 1.93 19.21 -9.06
N HIS C 73 2.79 18.89 -8.10
CA HIS C 73 3.29 17.54 -7.91
C HIS C 73 3.22 17.16 -6.43
N PRO C 74 2.05 16.71 -5.97
CA PRO C 74 1.92 16.30 -4.56
C PRO C 74 2.88 15.19 -4.20
N MET C 75 3.27 15.11 -2.93
CA MET C 75 4.08 14.02 -2.45
C MET C 75 3.86 13.84 -0.98
N ASP C 76 4.07 12.60 -0.55
CA ASP C 76 4.00 12.22 0.84
C ASP C 76 4.78 10.92 1.04
N LEU C 77 4.96 10.54 2.30
CA LEU C 77 5.64 9.29 2.66
C LEU C 77 4.89 8.01 2.27
N SER C 78 3.57 8.05 2.10
CA SER C 78 2.87 6.84 1.65
C SER C 78 3.32 6.56 0.22
N THR C 79 3.21 7.59 -0.61
CA THR C 79 3.68 7.57 -2.00
C THR C 79 5.19 7.25 -2.21
N VAL C 80 6.04 7.63 -1.25
CA VAL C 80 7.45 7.33 -1.36
C VAL C 80 7.67 5.85 -1.06
N LYS C 81 6.95 5.30 -0.07
CA LYS C 81 6.96 3.84 0.18
C LYS C 81 6.42 3.06 -1.03
N ARG C 82 5.30 3.51 -1.58
CA ARG C 82 4.77 2.88 -2.76
C ARG C 82 5.81 2.85 -3.89
N LYS C 83 6.36 4.02 -4.26
CA LYS C 83 7.32 4.14 -5.38
C LYS C 83 8.58 3.29 -5.19
N MET C 84 9.03 3.24 -3.93
CA MET C 84 10.22 2.49 -3.52
C MET C 84 9.90 0.98 -3.66
N GLU C 85 8.82 0.52 -3.01
CA GLU C 85 8.30 -0.86 -3.20
C GLU C 85 8.10 -1.25 -4.67
N ASN C 86 7.70 -0.31 -5.49
CA ASN C 86 7.54 -0.51 -6.95
C ASN C 86 8.81 -0.44 -7.82
N ARG C 87 9.97 -0.11 -7.24
CA ARG C 87 11.25 0.04 -7.99
C ARG C 87 11.28 1.23 -8.95
N ASP C 88 10.61 2.33 -8.57
CA ASP C 88 10.59 3.51 -9.41
C ASP C 88 11.82 4.36 -9.20
N TYR C 89 12.55 4.12 -8.10
CA TYR C 89 13.76 4.85 -7.77
C TYR C 89 15.02 4.18 -8.32
N ARG C 90 15.57 4.75 -9.40
CA ARG C 90 16.86 4.30 -9.99
C ARG C 90 18.01 4.28 -8.96
N ASP C 91 18.07 5.30 -8.11
CA ASP C 91 19.18 5.52 -7.18
C ASP C 91 18.72 6.29 -5.96
N ALA C 92 19.64 6.54 -5.04
CA ALA C 92 19.39 7.36 -3.84
C ALA C 92 18.95 8.80 -4.13
N GLN C 93 19.45 9.41 -5.20
CA GLN C 93 19.08 10.80 -5.55
C GLN C 93 17.60 10.94 -5.89
N GLU C 94 17.06 10.02 -6.69
CA GLU C 94 15.63 10.02 -7.05
C GLU C 94 14.75 9.99 -5.78
N PHE C 95 15.04 9.06 -4.87
CA PHE C 95 14.39 8.99 -3.55
C PHE C 95 14.47 10.31 -2.74
N ALA C 96 15.56 11.05 -2.90
CA ALA C 96 15.79 12.25 -2.11
C ALA C 96 15.01 13.39 -2.73
N ALA C 97 14.99 13.41 -4.06
CA ALA C 97 14.20 14.42 -4.79
C ALA C 97 12.72 14.42 -4.35
N ASP C 98 12.18 13.22 -4.06
CA ASP C 98 10.76 13.05 -3.70
C ASP C 98 10.50 13.48 -2.29
N VAL C 99 11.29 12.98 -1.38
CA VAL C 99 11.19 13.40 0.01
C VAL C 99 11.36 14.91 0.05
N ARG C 100 12.37 15.43 -0.65
CA ARG C 100 12.59 16.87 -0.66
C ARG C 100 11.43 17.59 -1.31
N LEU C 101 10.84 17.01 -2.35
CA LEU C 101 9.67 17.57 -3.02
C LEU C 101 8.49 17.66 -2.04
N MET C 102 8.26 16.58 -1.28
CA MET C 102 7.28 16.62 -0.18
C MET C 102 7.45 17.81 0.77
N PHE C 103 8.68 18.11 1.17
CA PHE C 103 8.92 19.26 2.06
C PHE C 103 8.76 20.59 1.34
N SER C 104 9.30 20.72 0.12
CA SER C 104 9.14 21.97 -0.66
C SER C 104 7.69 22.32 -1.02
N ASN C 105 6.85 21.34 -1.32
CA ASN C 105 5.41 21.65 -1.49
C ASN C 105 4.85 22.25 -0.22
N CYS C 106 5.17 21.60 0.91
CA CYS C 106 4.77 22.11 2.20
C CYS C 106 5.24 23.55 2.41
N TYR C 107 6.49 23.85 2.05
CA TYR C 107 6.97 25.23 2.15
C TYR C 107 6.33 26.13 1.09
N LYS C 108 6.06 25.59 -0.08
CA LYS C 108 5.40 26.37 -1.13
C LYS C 108 3.98 26.79 -0.71
N TYR C 109 3.11 25.83 -0.43
CA TYR C 109 1.71 26.15 -0.11
C TYR C 109 1.52 27.04 1.14
N ASN C 110 2.21 26.72 2.24
CA ASN C 110 1.99 27.39 3.55
C ASN C 110 2.78 28.68 3.93
N PRO C 111 2.15 29.59 4.71
CA PRO C 111 2.95 30.75 5.21
C PRO C 111 3.94 30.26 6.26
N PRO C 112 5.11 30.93 6.41
CA PRO C 112 6.23 30.41 7.23
C PRO C 112 5.98 30.05 8.71
N ASP C 113 4.93 30.63 9.27
CA ASP C 113 4.60 30.49 10.71
C ASP C 113 3.46 29.48 11.05
N HIS C 114 2.83 28.86 10.05
CA HIS C 114 1.88 27.75 10.25
C HIS C 114 2.63 26.59 10.92
N ASP C 115 1.93 25.79 11.74
CA ASP C 115 2.55 24.66 12.46
C ASP C 115 3.13 23.60 11.56
N VAL C 116 2.53 23.40 10.39
CA VAL C 116 2.92 22.34 9.46
C VAL C 116 4.29 22.61 8.85
N VAL C 117 4.63 23.89 8.66
CA VAL C 117 5.96 24.30 8.23
C VAL C 117 7.02 23.99 9.32
N ALA C 118 6.67 24.16 10.59
CA ALA C 118 7.58 23.83 11.72
C ALA C 118 7.74 22.34 11.90
N MET C 119 6.76 21.55 11.50
CA MET C 119 6.88 20.08 11.59
C MET C 119 7.72 19.47 10.44
N ALA C 120 7.57 20.07 9.25
CA ALA C 120 8.37 19.75 8.05
C ALA C 120 9.89 19.91 8.36
N ARG C 121 10.22 21.09 8.85
CA ARG C 121 11.58 21.39 9.23
C ARG C 121 12.18 20.43 10.26
N LYS C 122 11.43 19.97 11.25
CA LYS C 122 11.97 18.96 12.20
C LYS C 122 12.14 17.61 11.54
N LEU C 123 11.21 17.23 10.68
CA LEU C 123 11.29 15.92 10.04
C LEU C 123 12.33 16.00 8.91
N GLN C 124 12.39 17.15 8.21
CA GLN C 124 13.44 17.38 7.21
C GLN C 124 14.82 17.37 7.82
N ASP C 125 14.96 17.95 9.01
CA ASP C 125 16.20 17.85 9.76
C ASP C 125 16.51 16.35 10.07
N VAL C 126 15.52 15.53 10.49
CA VAL C 126 15.80 14.08 10.67
C VAL C 126 16.31 13.49 9.35
N PHE C 127 15.65 13.84 8.25
CA PHE C 127 15.95 13.25 6.95
C PHE C 127 17.35 13.60 6.39
N GLU C 128 17.69 14.88 6.36
CA GLU C 128 18.93 15.32 5.73
C GLU C 128 20.16 14.73 6.46
N PHE C 129 20.08 14.63 7.78
CA PHE C 129 21.07 13.99 8.60
C PHE C 129 21.31 12.55 8.24
N ARG C 130 20.22 11.79 8.18
CA ARG C 130 20.28 10.37 7.88
C ARG C 130 20.74 10.11 6.46
N TYR C 131 20.23 10.90 5.52
CA TYR C 131 20.68 10.87 4.13
C TYR C 131 22.18 11.26 3.97
N ALA C 132 22.61 12.23 4.77
CA ALA C 132 24.02 12.63 4.79
C ALA C 132 24.91 11.53 5.32
N LYS C 133 24.48 10.88 6.41
CA LYS C 133 25.24 9.78 7.03
C LYS C 133 25.20 8.45 6.27
N MET C 134 24.50 8.41 5.14
CA MET C 134 24.38 7.17 4.40
C MET C 134 25.75 6.82 3.85
N PRO C 135 26.25 5.59 4.12
CA PRO C 135 27.50 5.16 3.52
C PRO C 135 27.33 4.86 2.03
N LEU D 27 -38.98 11.05 16.63
CA LEU D 27 -39.21 11.92 15.44
C LEU D 27 -38.10 11.72 14.41
N SER D 28 -38.49 11.49 13.16
CA SER D 28 -37.57 11.52 12.03
C SER D 28 -37.14 12.96 11.75
N GLU D 29 -37.99 13.92 12.13
CA GLU D 29 -37.69 15.35 12.02
C GLU D 29 -36.44 15.74 12.81
N GLN D 30 -36.27 15.19 14.01
CA GLN D 30 -35.11 15.58 14.81
C GLN D 30 -33.85 14.81 14.41
N LEU D 31 -33.99 13.63 13.80
CA LEU D 31 -32.85 12.99 13.17
C LEU D 31 -32.51 13.62 11.83
N LYS D 32 -33.52 14.19 11.17
CA LYS D 32 -33.28 15.00 9.98
C LYS D 32 -32.37 16.16 10.37
N HIS D 33 -32.65 16.81 11.49
CA HIS D 33 -31.83 17.95 11.95
C HIS D 33 -30.45 17.52 12.47
N CYS D 34 -30.36 16.34 13.08
CA CYS D 34 -29.07 15.77 13.46
C CYS D 34 -28.15 15.55 12.22
N ASN D 35 -28.76 15.23 11.07
CA ASN D 35 -28.00 15.15 9.83
C ASN D 35 -27.40 16.49 9.44
N GLY D 36 -28.21 17.55 9.49
CA GLY D 36 -27.73 18.92 9.21
C GLY D 36 -26.58 19.28 10.14
N ILE D 37 -26.75 18.98 11.42
CA ILE D 37 -25.73 19.25 12.42
C ILE D 37 -24.43 18.63 11.98
N LEU D 38 -24.51 17.36 11.60
CA LEU D 38 -23.33 16.60 11.23
C LEU D 38 -22.75 17.18 9.93
N LYS D 39 -23.63 17.42 8.96
CA LYS D 39 -23.24 17.97 7.64
C LYS D 39 -22.50 19.25 7.86
N GLU D 40 -23.03 20.09 8.74
CA GLU D 40 -22.38 21.31 9.24
C GLU D 40 -21.05 21.01 9.88
N LEU D 41 -21.00 20.08 10.84
CA LEU D 41 -19.71 19.72 11.49
C LEU D 41 -18.66 19.26 10.47
N LEU D 42 -19.12 18.54 9.45
CA LEU D 42 -18.24 18.00 8.44
C LEU D 42 -17.91 19.03 7.33
N SER D 43 -18.64 20.15 7.27
CA SER D 43 -18.50 21.15 6.18
C SER D 43 -17.14 21.85 6.12
N LYS D 44 -16.79 22.38 4.94
CA LYS D 44 -15.50 23.09 4.72
C LYS D 44 -15.35 24.25 5.69
N LYS D 45 -16.46 24.92 5.98
CA LYS D 45 -16.55 26.04 6.92
C LYS D 45 -15.71 25.88 8.18
N HIS D 46 -15.67 24.66 8.76
CA HIS D 46 -15.01 24.42 10.07
C HIS D 46 -13.78 23.52 9.98
N ALA D 47 -13.43 23.11 8.76
CA ALA D 47 -12.33 22.19 8.49
C ALA D 47 -11.07 22.41 9.30
N ALA D 48 -10.75 23.66 9.57
CA ALA D 48 -9.47 23.99 10.20
C ALA D 48 -9.32 23.47 11.62
N TYR D 49 -10.44 23.23 12.26
CA TYR D 49 -10.46 22.66 13.59
C TYR D 49 -11.24 21.35 13.64
N ALA D 50 -11.96 21.03 12.56
CA ALA D 50 -12.79 19.85 12.50
C ALA D 50 -11.99 18.59 12.12
N TRP D 51 -10.96 18.75 11.28
CA TRP D 51 -10.20 17.64 10.67
C TRP D 51 -9.73 16.51 11.62
N PRO D 52 -9.37 16.84 12.85
CA PRO D 52 -8.90 15.73 13.70
C PRO D 52 -9.97 14.76 14.20
N PHE D 53 -11.23 15.07 13.96
CA PHE D 53 -12.37 14.21 14.31
C PHE D 53 -13.03 13.57 13.10
N TYR D 54 -12.42 13.77 11.92
CA TYR D 54 -12.95 13.25 10.66
C TYR D 54 -12.87 11.75 10.59
N LYS D 55 -11.93 11.18 11.35
CA LYS D 55 -11.67 9.74 11.34
C LYS D 55 -11.29 9.33 12.74
N PRO D 56 -11.31 8.03 13.03
CA PRO D 56 -10.79 7.60 14.33
C PRO D 56 -9.30 7.98 14.60
N VAL D 57 -8.99 8.21 15.85
CA VAL D 57 -7.62 8.39 16.30
C VAL D 57 -6.88 7.12 15.98
N ASP D 58 -5.91 7.26 15.08
CA ASP D 58 -5.02 6.19 14.72
C ASP D 58 -3.89 6.10 15.75
N ALA D 59 -4.13 5.34 16.81
CA ALA D 59 -3.16 5.17 17.89
C ALA D 59 -1.88 4.54 17.39
N SER D 60 -2.03 3.61 16.47
CA SER D 60 -0.92 2.88 15.90
C SER D 60 0.05 3.87 15.26
N ALA D 61 -0.42 4.58 14.24
CA ALA D 61 0.38 5.55 13.51
C ALA D 61 0.98 6.65 14.36
N LEU D 62 0.23 7.16 15.33
CA LEU D 62 0.65 8.30 16.13
C LEU D 62 1.43 7.88 17.34
N GLY D 63 1.71 6.60 17.50
CA GLY D 63 2.53 6.15 18.62
C GLY D 63 1.86 6.08 19.96
N LEU D 64 0.53 6.09 20.00
CA LEU D 64 -0.21 6.18 21.25
C LEU D 64 -0.49 4.83 21.92
N HIS D 65 0.52 4.26 22.56
CA HIS D 65 0.44 2.90 23.07
C HIS D 65 -0.63 2.78 24.13
N ASP D 66 -0.83 3.85 24.91
CA ASP D 66 -1.86 3.85 25.97
C ASP D 66 -3.28 4.33 25.52
N TYR D 67 -3.44 4.71 24.25
CA TYR D 67 -4.70 5.28 23.83
C TYR D 67 -5.89 4.38 24.10
N HIS D 68 -5.83 3.15 23.66
CA HIS D 68 -6.99 2.30 23.85
C HIS D 68 -7.17 1.74 25.27
N ASP D 69 -6.18 1.93 26.15
CA ASP D 69 -6.29 1.64 27.63
C ASP D 69 -7.07 2.73 28.38
N ILE D 70 -6.80 3.97 28.01
CA ILE D 70 -7.39 5.12 28.58
C ILE D 70 -8.74 5.43 27.95
N ILE D 71 -8.84 5.36 26.62
CA ILE D 71 -10.13 5.55 25.93
C ILE D 71 -10.85 4.22 25.62
N LYS D 72 -11.85 3.86 26.44
CA LYS D 72 -12.61 2.62 26.22
C LYS D 72 -13.61 2.69 25.09
N HIS D 73 -14.06 3.89 24.69
CA HIS D 73 -15.11 3.98 23.65
C HIS D 73 -14.83 5.14 22.73
N PRO D 74 -13.89 4.94 21.79
CA PRO D 74 -13.54 5.98 20.84
C PRO D 74 -14.70 6.28 19.97
N MET D 75 -14.70 7.47 19.45
CA MET D 75 -15.76 7.98 18.63
C MET D 75 -15.14 9.11 17.81
N ASP D 76 -15.73 9.33 16.65
CA ASP D 76 -15.27 10.30 15.69
C ASP D 76 -16.42 10.48 14.68
N LEU D 77 -16.26 11.40 13.74
CA LEU D 77 -17.39 11.84 12.93
C LEU D 77 -17.74 10.91 11.82
N SER D 78 -16.76 10.21 11.26
CA SER D 78 -17.10 9.16 10.29
C SER D 78 -17.92 8.07 10.96
N THR D 79 -17.50 7.61 12.14
CA THR D 79 -18.29 6.63 12.87
C THR D 79 -19.73 7.15 13.05
N VAL D 80 -19.85 8.42 13.45
CA VAL D 80 -21.15 9.02 13.72
C VAL D 80 -22.00 8.98 12.46
N LYS D 81 -21.43 9.46 11.36
CA LYS D 81 -22.07 9.41 10.05
C LYS D 81 -22.50 8.01 9.65
N ARG D 82 -21.63 7.02 9.90
CA ARG D 82 -21.93 5.65 9.52
C ARG D 82 -23.14 5.20 10.28
N LYS D 83 -23.12 5.42 11.59
CA LYS D 83 -24.29 5.10 12.45
C LYS D 83 -25.56 5.84 12.06
N MET D 84 -25.41 7.06 11.53
CA MET D 84 -26.56 7.82 11.02
C MET D 84 -27.15 7.15 9.79
N GLU D 85 -26.36 6.98 8.74
CA GLU D 85 -26.77 6.23 7.55
C GLU D 85 -27.31 4.82 7.84
N ASN D 86 -26.76 4.18 8.87
CA ASN D 86 -27.26 2.93 9.38
C ASN D 86 -28.56 3.04 10.10
N ARG D 87 -28.89 4.25 10.55
CA ARG D 87 -30.07 4.52 11.32
C ARG D 87 -30.03 3.80 12.63
N ASP D 88 -28.85 3.81 13.25
CA ASP D 88 -28.64 3.25 14.59
C ASP D 88 -29.05 4.21 15.69
N TYR D 89 -29.29 5.50 15.40
CA TYR D 89 -29.75 6.44 16.45
C TYR D 89 -31.27 6.38 16.62
N ARG D 90 -31.72 5.90 17.78
CA ARG D 90 -33.14 5.91 18.11
C ARG D 90 -33.66 7.36 18.18
N ASP D 91 -32.87 8.29 18.69
CA ASP D 91 -33.31 9.69 18.74
C ASP D 91 -32.12 10.66 18.65
N ALA D 92 -32.36 11.96 18.85
CA ALA D 92 -31.34 12.99 18.81
C ALA D 92 -30.46 12.99 20.04
N GLN D 93 -30.95 12.44 21.13
CA GLN D 93 -30.15 12.29 22.35
C GLN D 93 -29.01 11.28 22.16
N GLU D 94 -29.31 10.19 21.45
CA GLU D 94 -28.30 9.17 21.16
C GLU D 94 -27.19 9.74 20.29
N PHE D 95 -27.61 10.41 19.21
CA PHE D 95 -26.71 11.16 18.35
C PHE D 95 -25.83 12.08 19.15
N ALA D 96 -26.42 12.86 20.03
CA ALA D 96 -25.69 13.81 20.85
C ALA D 96 -24.73 13.13 21.81
N ALA D 97 -25.09 11.96 22.32
CA ALA D 97 -24.25 11.26 23.29
C ALA D 97 -22.95 10.78 22.63
N ASP D 98 -23.04 10.37 21.35
CA ASP D 98 -21.86 9.98 20.60
C ASP D 98 -20.90 11.16 20.30
N VAL D 99 -21.46 12.24 19.79
CA VAL D 99 -20.71 13.45 19.47
C VAL D 99 -20.07 14.05 20.72
N ARG D 100 -20.69 13.90 21.90
CA ARG D 100 -20.10 14.37 23.14
C ARG D 100 -19.06 13.41 23.66
N LEU D 101 -19.33 12.11 23.53
CA LEU D 101 -18.30 11.07 23.82
C LEU D 101 -17.02 11.35 23.04
N MET D 102 -17.19 11.66 21.75
CA MET D 102 -16.05 12.09 20.95
C MET D 102 -15.29 13.18 21.65
N PHE D 103 -15.96 14.27 22.04
CA PHE D 103 -15.24 15.40 22.62
C PHE D 103 -14.64 15.06 24.00
N SER D 104 -15.38 14.35 24.85
CA SER D 104 -14.85 13.94 26.14
C SER D 104 -13.70 12.99 26.04
N ASN D 105 -13.71 12.12 25.03
CA ASN D 105 -12.56 11.25 24.81
C ASN D 105 -11.30 12.11 24.66
N CYS D 106 -11.41 13.11 23.80
CA CYS D 106 -10.32 14.02 23.55
C CYS D 106 -9.82 14.76 24.83
N TYR D 107 -10.76 15.21 25.66
CA TYR D 107 -10.43 15.98 26.84
C TYR D 107 -9.86 15.03 27.88
N LYS D 108 -10.33 13.78 27.88
CA LYS D 108 -9.84 12.77 28.84
C LYS D 108 -8.39 12.37 28.60
N TYR D 109 -7.98 12.27 27.34
CA TYR D 109 -6.68 11.68 26.97
C TYR D 109 -5.57 12.70 26.90
N ASN D 110 -5.88 13.83 26.30
CA ASN D 110 -4.89 14.86 26.10
C ASN D 110 -4.71 15.80 27.29
N PRO D 111 -3.49 16.37 27.47
CA PRO D 111 -3.35 17.50 28.43
C PRO D 111 -4.12 18.74 27.96
N PRO D 112 -4.50 19.65 28.87
CA PRO D 112 -5.35 20.80 28.45
C PRO D 112 -4.71 21.89 27.56
N ASP D 113 -3.40 21.82 27.34
CA ASP D 113 -2.67 22.79 26.49
C ASP D 113 -2.64 22.42 24.99
N HIS D 114 -2.86 21.14 24.67
CA HIS D 114 -2.70 20.59 23.31
C HIS D 114 -3.64 21.25 22.32
N ASP D 115 -3.17 21.45 21.10
CA ASP D 115 -3.97 22.03 20.02
C ASP D 115 -5.32 21.32 19.81
N VAL D 116 -5.31 19.99 19.86
CA VAL D 116 -6.50 19.17 19.63
C VAL D 116 -7.59 19.52 20.66
N VAL D 117 -7.21 19.81 21.90
CA VAL D 117 -8.18 20.25 22.89
C VAL D 117 -8.81 21.59 22.49
N ALA D 118 -8.01 22.57 22.09
CA ALA D 118 -8.57 23.86 21.65
C ALA D 118 -9.40 23.69 20.39
N MET D 119 -9.06 22.73 19.53
CA MET D 119 -9.85 22.49 18.33
C MET D 119 -11.21 21.85 18.66
N ALA D 120 -11.18 20.94 19.62
CA ALA D 120 -12.37 20.23 20.11
C ALA D 120 -13.41 21.21 20.69
N ARG D 121 -12.95 22.13 21.54
CA ARG D 121 -13.79 23.24 22.06
C ARG D 121 -14.28 24.13 20.95
N LYS D 122 -13.45 24.41 19.96
CA LYS D 122 -13.97 25.13 18.79
C LYS D 122 -15.10 24.37 18.09
N LEU D 123 -14.93 23.07 17.88
CA LEU D 123 -15.95 22.32 17.11
C LEU D 123 -17.14 22.04 18.00
N GLN D 124 -16.90 21.79 19.27
CA GLN D 124 -17.99 21.57 20.23
C GLN D 124 -18.86 22.85 20.47
N ASP D 125 -18.27 24.04 20.38
CA ASP D 125 -19.12 25.24 20.46
C ASP D 125 -20.09 25.23 19.27
N VAL D 126 -19.63 24.82 18.10
CA VAL D 126 -20.51 24.74 16.92
C VAL D 126 -21.58 23.72 17.21
N PHE D 127 -21.16 22.58 17.75
CA PHE D 127 -22.07 21.48 17.99
C PHE D 127 -23.12 21.87 19.01
N GLU D 128 -22.69 22.44 20.12
CA GLU D 128 -23.60 22.68 21.23
C GLU D 128 -24.62 23.78 20.83
N PHE D 129 -24.19 24.71 19.99
CA PHE D 129 -25.10 25.65 19.39
C PHE D 129 -26.15 25.10 18.45
N ARG D 130 -25.78 24.35 17.42
CA ARG D 130 -26.79 23.91 16.47
C ARG D 130 -27.71 22.83 17.12
N TYR D 131 -27.15 22.00 18.01
CA TYR D 131 -27.96 21.09 18.81
C TYR D 131 -28.95 21.87 19.65
N ALA D 132 -28.44 22.83 20.42
CA ALA D 132 -29.31 23.62 21.31
C ALA D 132 -30.47 24.30 20.57
N LYS D 133 -30.20 24.82 19.37
CA LYS D 133 -31.20 25.53 18.55
C LYS D 133 -31.90 24.65 17.53
N MET D 134 -32.38 23.50 18.01
CA MET D 134 -33.15 22.56 17.24
C MET D 134 -34.58 22.62 17.83
N PRO D 135 -35.62 22.62 16.96
CA PRO D 135 -37.03 22.50 17.40
C PRO D 135 -37.36 21.37 18.40
N GLU E 29 14.41 6.89 -30.00
CA GLU E 29 12.99 6.57 -29.69
C GLU E 29 12.76 5.06 -29.53
N GLN E 30 13.32 4.26 -30.44
CA GLN E 30 13.28 2.80 -30.28
C GLN E 30 14.11 2.35 -29.05
N LEU E 31 15.16 3.11 -28.72
CA LEU E 31 15.87 2.93 -27.43
C LEU E 31 15.05 3.33 -26.20
N LYS E 32 14.11 4.27 -26.37
CA LYS E 32 13.09 4.57 -25.35
C LYS E 32 12.10 3.43 -25.09
N HIS E 33 11.79 2.61 -26.10
CA HIS E 33 10.93 1.44 -25.86
C HIS E 33 11.75 0.33 -25.19
N CYS E 34 12.96 0.09 -25.72
CA CYS E 34 13.96 -0.82 -25.12
C CYS E 34 14.11 -0.63 -23.60
N ASN E 35 14.23 0.63 -23.19
CA ASN E 35 14.30 1.00 -21.78
C ASN E 35 13.01 0.65 -21.04
N GLY E 36 11.86 0.86 -21.68
CA GLY E 36 10.59 0.36 -21.14
C GLY E 36 10.55 -1.16 -21.00
N ILE E 37 11.19 -1.88 -21.93
CA ILE E 37 11.26 -3.36 -21.90
C ILE E 37 12.07 -3.81 -20.69
N LEU E 38 13.28 -3.25 -20.57
CA LEU E 38 14.14 -3.40 -19.39
C LEU E 38 13.49 -3.05 -18.03
N LYS E 39 12.65 -2.01 -18.03
CA LYS E 39 11.88 -1.62 -16.85
C LYS E 39 10.94 -2.78 -16.44
N GLU E 40 10.38 -3.49 -17.44
CA GLU E 40 9.48 -4.64 -17.21
C GLU E 40 10.15 -5.95 -16.80
N LEU E 41 11.29 -6.28 -17.39
CA LEU E 41 12.10 -7.42 -16.92
C LEU E 41 12.42 -7.28 -15.41
N LEU E 42 12.75 -6.05 -14.99
CA LEU E 42 13.09 -5.73 -13.58
C LEU E 42 11.93 -5.58 -12.59
N SER E 43 10.69 -5.37 -13.06
CA SER E 43 9.55 -5.15 -12.17
C SER E 43 9.09 -6.39 -11.40
N LYS E 44 8.45 -6.15 -10.25
CA LYS E 44 7.86 -7.18 -9.36
C LYS E 44 7.07 -8.31 -10.05
N LYS E 45 6.43 -7.95 -11.16
CA LYS E 45 5.70 -8.88 -12.03
C LYS E 45 6.53 -10.14 -12.40
N HIS E 46 7.80 -9.94 -12.78
CA HIS E 46 8.72 -11.07 -13.07
C HIS E 46 9.84 -11.00 -12.05
N ALA E 47 9.55 -11.54 -10.87
CA ALA E 47 10.54 -11.65 -9.80
C ALA E 47 10.71 -13.08 -9.29
N ALA E 48 9.93 -14.04 -9.78
CA ALA E 48 10.12 -15.46 -9.43
C ALA E 48 11.09 -16.14 -10.37
N TYR E 49 11.31 -15.52 -11.53
CA TYR E 49 12.23 -16.04 -12.54
C TYR E 49 13.28 -15.05 -13.05
N ALA E 50 13.16 -13.75 -12.73
CA ALA E 50 14.14 -12.77 -13.19
C ALA E 50 15.27 -12.56 -12.19
N TRP E 51 15.06 -12.83 -10.88
CA TRP E 51 16.10 -12.56 -9.86
C TRP E 51 17.49 -13.17 -10.16
N PRO E 52 17.55 -14.37 -10.82
CA PRO E 52 18.90 -14.82 -11.16
C PRO E 52 19.67 -13.87 -12.07
N PHE E 53 18.97 -12.91 -12.70
CA PHE E 53 19.54 -12.06 -13.72
C PHE E 53 19.64 -10.61 -13.31
N TYR E 54 19.40 -10.30 -12.01
CA TYR E 54 19.51 -8.92 -11.48
C TYR E 54 20.95 -8.51 -11.27
N LYS E 55 21.75 -9.41 -10.73
CA LYS E 55 23.18 -9.16 -10.50
C LYS E 55 24.02 -10.08 -11.39
N PRO E 56 25.30 -9.73 -11.62
CA PRO E 56 26.14 -10.69 -12.34
C PRO E 56 26.21 -12.04 -11.59
N VAL E 57 26.37 -13.14 -12.33
CA VAL E 57 26.65 -14.44 -11.73
C VAL E 57 27.91 -14.30 -10.86
N ASP E 58 27.72 -14.45 -9.53
CA ASP E 58 28.84 -14.48 -8.56
C ASP E 58 29.44 -15.89 -8.53
N ALA E 59 30.25 -16.18 -9.55
CA ALA E 59 30.85 -17.49 -9.80
C ALA E 59 31.64 -18.02 -8.58
N SER E 60 32.45 -17.16 -7.97
CA SER E 60 33.26 -17.58 -6.84
C SER E 60 32.44 -17.88 -5.56
N ALA E 61 31.42 -17.07 -5.22
CA ALA E 61 30.50 -17.41 -4.11
C ALA E 61 29.74 -18.69 -4.43
N LEU E 62 29.32 -18.84 -5.69
CA LEU E 62 28.63 -20.07 -6.17
C LEU E 62 29.53 -21.30 -6.27
N GLY E 63 30.85 -21.08 -6.28
CA GLY E 63 31.84 -22.13 -6.40
C GLY E 63 31.97 -22.62 -7.82
N LEU E 64 31.63 -21.76 -8.78
CA LEU E 64 31.71 -22.08 -10.19
C LEU E 64 33.07 -21.62 -10.72
N HIS E 65 34.03 -22.54 -10.60
CA HIS E 65 35.41 -22.26 -10.97
C HIS E 65 35.61 -22.33 -12.48
N ASP E 66 34.62 -22.90 -13.20
CA ASP E 66 34.64 -22.97 -14.68
C ASP E 66 33.88 -21.85 -15.40
N TYR E 67 32.86 -21.27 -14.76
CA TYR E 67 32.01 -20.21 -15.35
C TYR E 67 32.71 -19.22 -16.26
N HIS E 68 33.85 -18.69 -15.83
CA HIS E 68 34.58 -17.66 -16.59
C HIS E 68 35.43 -18.18 -17.72
N ASP E 69 35.64 -19.49 -17.79
CA ASP E 69 36.27 -20.10 -18.97
C ASP E 69 35.26 -20.53 -20.05
N ILE E 70 34.05 -20.84 -19.61
CA ILE E 70 32.97 -21.17 -20.52
C ILE E 70 32.26 -19.89 -21.02
N ILE E 71 32.08 -18.93 -20.12
CA ILE E 71 31.42 -17.65 -20.42
C ILE E 71 32.46 -16.56 -20.49
N LYS E 72 32.88 -16.29 -21.71
CA LYS E 72 33.90 -15.30 -21.96
C LYS E 72 33.37 -13.88 -21.82
N HIS E 73 32.05 -13.70 -21.91
CA HIS E 73 31.44 -12.36 -21.76
C HIS E 73 30.18 -12.44 -20.94
N PRO E 74 30.31 -12.33 -19.60
CA PRO E 74 29.13 -12.34 -18.73
C PRO E 74 28.19 -11.20 -19.04
N MET E 75 26.90 -11.44 -18.80
CA MET E 75 25.91 -10.38 -18.85
C MET E 75 24.75 -10.66 -17.90
N ASP E 76 24.10 -9.57 -17.50
CA ASP E 76 22.99 -9.61 -16.56
C ASP E 76 22.25 -8.29 -16.72
N LEU E 77 21.10 -8.16 -16.06
CA LEU E 77 20.23 -7.00 -16.20
C LEU E 77 20.78 -5.70 -15.60
N SER E 78 21.45 -5.75 -14.44
CA SER E 78 22.00 -4.52 -13.88
C SER E 78 23.12 -3.97 -14.77
N THR E 79 23.91 -4.85 -15.39
CA THR E 79 24.82 -4.40 -16.47
C THR E 79 24.06 -3.84 -17.70
N VAL E 80 22.88 -4.35 -18.02
CA VAL E 80 22.13 -3.75 -19.14
C VAL E 80 21.62 -2.37 -18.70
N LYS E 81 21.01 -2.30 -17.52
CA LYS E 81 20.59 -1.05 -16.87
C LYS E 81 21.71 0.02 -16.88
N ARG E 82 22.87 -0.32 -16.33
CA ARG E 82 24.01 0.62 -16.21
C ARG E 82 24.53 1.05 -17.58
N LYS E 83 24.51 0.13 -18.55
CA LYS E 83 24.89 0.48 -19.93
C LYS E 83 23.87 1.40 -20.62
N MET E 84 22.58 1.25 -20.31
CA MET E 84 21.55 2.14 -20.84
C MET E 84 21.81 3.57 -20.37
N GLU E 85 22.09 3.71 -19.08
CA GLU E 85 22.26 5.04 -18.46
C GLU E 85 23.57 5.78 -18.77
N ASN E 86 24.54 5.09 -19.38
CA ASN E 86 25.71 5.75 -20.00
C ASN E 86 25.44 6.05 -21.48
N ARG E 87 24.24 5.69 -21.94
CA ARG E 87 23.89 5.63 -23.35
C ARG E 87 24.86 4.75 -24.14
N ASP E 88 25.31 3.63 -23.57
CA ASP E 88 26.20 2.68 -24.27
C ASP E 88 25.59 2.15 -25.57
N TYR E 89 24.28 1.92 -25.55
CA TYR E 89 23.60 1.31 -26.67
C TYR E 89 23.32 2.36 -27.74
N ARG E 90 23.84 2.13 -28.95
CA ARG E 90 23.69 3.06 -30.08
C ARG E 90 22.33 2.90 -30.74
N ASP E 91 21.87 1.65 -30.86
CA ASP E 91 20.53 1.32 -31.39
C ASP E 91 19.90 0.13 -30.62
N ALA E 92 18.68 -0.26 -30.97
CA ALA E 92 18.00 -1.40 -30.34
C ALA E 92 18.68 -2.74 -30.62
N GLN E 93 19.31 -2.83 -31.80
CA GLN E 93 20.08 -4.03 -32.20
C GLN E 93 21.10 -4.41 -31.12
N GLU E 94 21.73 -3.39 -30.52
CA GLU E 94 22.72 -3.55 -29.44
C GLU E 94 22.17 -3.92 -28.04
N PHE E 95 21.11 -3.22 -27.56
CA PHE E 95 20.39 -3.59 -26.31
C PHE E 95 19.87 -5.02 -26.33
N ALA E 96 19.25 -5.39 -27.46
CA ALA E 96 18.77 -6.74 -27.70
C ALA E 96 19.90 -7.76 -27.52
N ALA E 97 21.00 -7.51 -28.20
CA ALA E 97 22.18 -8.38 -28.21
C ALA E 97 22.80 -8.68 -26.83
N ASP E 98 22.65 -7.77 -25.86
CA ASP E 98 23.08 -8.03 -24.47
C ASP E 98 22.03 -8.79 -23.66
N VAL E 99 20.77 -8.43 -23.80
CA VAL E 99 19.74 -9.24 -23.15
C VAL E 99 19.86 -10.71 -23.65
N ARG E 100 20.01 -10.89 -24.95
CA ARG E 100 20.27 -12.21 -25.54
C ARG E 100 21.60 -12.88 -25.11
N LEU E 101 22.71 -12.14 -25.14
CA LEU E 101 23.99 -12.63 -24.54
C LEU E 101 23.76 -13.22 -23.13
N MET E 102 23.05 -12.48 -22.28
CA MET E 102 22.66 -12.93 -20.92
C MET E 102 21.90 -14.28 -20.91
N PHE E 103 21.00 -14.45 -21.86
CA PHE E 103 20.26 -15.72 -21.97
C PHE E 103 21.12 -16.83 -22.56
N SER E 104 21.84 -16.56 -23.64
CA SER E 104 22.73 -17.54 -24.25
C SER E 104 23.77 -18.03 -23.25
N ASN E 105 24.36 -17.09 -22.49
CA ASN E 105 25.27 -17.39 -21.38
C ASN E 105 24.70 -18.38 -20.41
N CYS E 106 23.43 -18.23 -20.06
CA CYS E 106 22.74 -19.20 -19.19
C CYS E 106 22.59 -20.58 -19.86
N TYR E 107 22.12 -20.58 -21.12
CA TYR E 107 21.93 -21.82 -21.85
C TYR E 107 23.24 -22.55 -22.13
N LYS E 108 24.29 -21.76 -22.42
CA LYS E 108 25.63 -22.27 -22.74
C LYS E 108 26.24 -22.99 -21.53
N TYR E 109 26.01 -22.43 -20.33
CA TYR E 109 26.64 -22.93 -19.11
C TYR E 109 26.01 -24.17 -18.50
N ASN E 110 24.67 -24.21 -18.49
CA ASN E 110 23.89 -25.14 -17.65
C ASN E 110 23.38 -26.40 -18.36
N PRO E 111 22.98 -27.42 -17.57
CA PRO E 111 22.23 -28.52 -18.15
C PRO E 111 20.76 -28.09 -18.43
N PRO E 112 20.15 -28.57 -19.56
CA PRO E 112 18.73 -28.34 -19.86
C PRO E 112 17.77 -28.51 -18.68
N ASP E 113 18.09 -29.46 -17.79
CA ASP E 113 17.32 -29.70 -16.55
C ASP E 113 17.31 -28.62 -15.46
N HIS E 114 18.35 -27.77 -15.37
CA HIS E 114 18.56 -26.90 -14.18
C HIS E 114 17.44 -25.86 -14.01
N ASP E 115 17.11 -25.51 -12.77
CA ASP E 115 16.03 -24.53 -12.47
C ASP E 115 16.17 -23.16 -13.20
N VAL E 116 17.42 -22.73 -13.44
CA VAL E 116 17.80 -21.41 -14.01
C VAL E 116 17.66 -21.30 -15.54
N VAL E 117 17.76 -22.43 -16.24
CA VAL E 117 17.43 -22.51 -17.66
C VAL E 117 15.93 -22.26 -17.89
N ALA E 118 15.06 -22.93 -17.14
CA ALA E 118 13.61 -22.65 -17.17
C ALA E 118 13.30 -21.15 -16.96
N MET E 119 13.88 -20.59 -15.89
CA MET E 119 13.72 -19.19 -15.51
C MET E 119 14.15 -18.20 -16.61
N ALA E 120 15.26 -18.52 -17.28
CA ALA E 120 15.69 -17.73 -18.46
C ALA E 120 14.71 -17.95 -19.63
N ARG E 121 14.38 -19.21 -19.93
CA ARG E 121 13.30 -19.54 -20.87
C ARG E 121 12.07 -18.63 -20.63
N LYS E 122 11.49 -18.67 -19.43
CA LYS E 122 10.34 -17.82 -19.06
C LYS E 122 10.56 -16.31 -19.29
N LEU E 123 11.65 -15.77 -18.76
CA LEU E 123 11.98 -14.34 -18.90
C LEU E 123 12.32 -13.94 -20.33
N GLN E 124 12.91 -14.85 -21.08
CA GLN E 124 13.17 -14.63 -22.50
C GLN E 124 11.86 -14.53 -23.29
N ASP E 125 10.84 -15.30 -22.89
CA ASP E 125 9.54 -15.21 -23.54
C ASP E 125 8.92 -13.83 -23.30
N VAL E 126 9.12 -13.28 -22.10
CA VAL E 126 8.77 -11.88 -21.81
C VAL E 126 9.61 -10.86 -22.66
N PHE E 127 10.91 -11.10 -22.86
CA PHE E 127 11.75 -10.20 -23.67
C PHE E 127 11.49 -10.29 -25.18
N GLU E 128 11.46 -11.51 -25.70
CA GLU E 128 11.29 -11.73 -27.13
C GLU E 128 9.99 -11.13 -27.70
N PHE E 129 8.96 -11.16 -26.85
CA PHE E 129 7.63 -10.69 -27.15
C PHE E 129 7.52 -9.18 -27.13
N ARG E 130 7.99 -8.57 -26.05
CA ARG E 130 7.94 -7.12 -25.89
C ARG E 130 8.90 -6.42 -26.88
N TYR E 131 9.99 -7.09 -27.23
CA TYR E 131 10.86 -6.65 -28.30
C TYR E 131 10.16 -6.73 -29.67
N ALA E 132 9.38 -7.80 -29.89
CA ALA E 132 8.62 -7.96 -31.13
C ALA E 132 7.53 -6.89 -31.27
N LYS E 133 6.88 -6.58 -30.13
CA LYS E 133 5.76 -5.59 -30.02
C LYS E 133 6.16 -4.09 -30.15
N MET E 134 7.48 -3.84 -30.23
CA MET E 134 8.09 -2.58 -30.67
C MET E 134 7.59 -2.01 -32.02
N PRO E 135 6.95 -0.80 -32.00
CA PRO E 135 6.68 -0.06 -33.26
C PRO E 135 7.98 0.44 -33.92
N ASP E 136 7.96 0.52 -35.26
CA ASP E 136 9.16 0.74 -36.10
C ASP E 136 8.87 1.61 -37.33
N GLN F 30 33.71 -23.10 23.47
CA GLN F 30 34.51 -21.95 22.97
C GLN F 30 34.28 -21.80 21.47
N LEU F 31 34.53 -20.59 20.95
CA LEU F 31 34.05 -20.16 19.63
C LEU F 31 35.02 -20.33 18.45
N LYS F 32 36.23 -20.84 18.67
CA LYS F 32 37.11 -21.22 17.55
C LYS F 32 36.50 -22.43 16.84
N HIS F 33 35.87 -23.30 17.63
CA HIS F 33 35.13 -24.46 17.09
C HIS F 33 33.93 -23.95 16.30
N CYS F 34 33.22 -22.98 16.87
CA CYS F 34 32.13 -22.28 16.18
C CYS F 34 32.61 -21.57 14.92
N ASN F 35 33.60 -20.70 15.03
CA ASN F 35 34.01 -19.93 13.87
C ASN F 35 34.59 -20.82 12.75
N GLY F 36 35.09 -22.00 13.09
CA GLY F 36 35.45 -23.03 12.10
C GLY F 36 34.25 -23.70 11.44
N ILE F 37 33.16 -23.85 12.21
CA ILE F 37 31.84 -24.28 11.69
C ILE F 37 31.31 -23.27 10.67
N LEU F 38 31.44 -21.99 10.97
CA LEU F 38 31.03 -20.94 10.05
C LEU F 38 31.80 -21.00 8.74
N LYS F 39 33.13 -21.00 8.82
CA LYS F 39 33.94 -21.02 7.59
C LYS F 39 33.54 -22.19 6.70
N GLU F 40 33.21 -23.32 7.32
CA GLU F 40 32.76 -24.52 6.61
C GLU F 40 31.36 -24.38 5.96
N LEU F 41 30.39 -23.77 6.67
CA LEU F 41 29.05 -23.52 6.08
C LEU F 41 29.14 -22.56 4.88
N LEU F 42 29.96 -21.52 5.01
CA LEU F 42 30.21 -20.51 3.95
C LEU F 42 31.05 -21.02 2.78
N SER F 43 31.84 -22.06 3.00
CA SER F 43 32.80 -22.56 2.01
C SER F 43 32.13 -23.16 0.74
N LYS F 44 32.97 -23.55 -0.22
CA LYS F 44 32.53 -23.99 -1.56
C LYS F 44 31.92 -25.39 -1.57
N LYS F 45 32.17 -26.15 -0.50
CA LYS F 45 31.78 -27.56 -0.41
C LYS F 45 30.25 -27.63 -0.32
N HIS F 46 29.71 -26.74 0.51
CA HIS F 46 28.28 -26.49 0.62
C HIS F 46 28.02 -25.06 0.07
N ALA F 47 27.87 -24.96 -1.25
CA ALA F 47 27.35 -23.76 -1.91
C ALA F 47 26.02 -24.09 -2.62
N ALA F 48 25.93 -25.25 -3.29
CA ALA F 48 24.71 -25.72 -4.00
C ALA F 48 23.43 -25.79 -3.17
N TYR F 49 23.52 -25.71 -1.85
CA TYR F 49 22.36 -25.59 -0.99
C TYR F 49 22.49 -24.48 0.08
N ALA F 50 23.69 -23.99 0.33
CA ALA F 50 23.90 -22.89 1.26
C ALA F 50 23.72 -21.51 0.61
N TRP F 51 23.68 -21.44 -0.73
CA TRP F 51 23.71 -20.14 -1.45
C TRP F 51 22.59 -19.14 -1.03
N PRO F 52 21.34 -19.63 -0.83
CA PRO F 52 20.32 -18.71 -0.34
C PRO F 52 20.49 -18.12 1.05
N PHE F 53 21.56 -18.45 1.78
CA PHE F 53 21.76 -17.98 3.18
C PHE F 53 23.01 -17.13 3.38
N TYR F 54 23.73 -16.88 2.28
CA TYR F 54 24.98 -16.10 2.26
C TYR F 54 24.79 -14.63 2.64
N LYS F 55 23.77 -14.01 2.03
CA LYS F 55 23.42 -12.61 2.28
C LYS F 55 22.01 -12.61 2.90
N PRO F 56 21.61 -11.47 3.53
CA PRO F 56 20.22 -11.38 4.08
C PRO F 56 19.16 -11.63 3.00
N VAL F 57 17.95 -12.03 3.38
CA VAL F 57 16.89 -12.20 2.38
C VAL F 57 16.51 -10.83 1.82
N ASP F 58 16.61 -10.69 0.52
CA ASP F 58 16.27 -9.46 -0.18
C ASP F 58 14.79 -9.58 -0.57
N ALA F 59 13.92 -9.21 0.37
CA ALA F 59 12.47 -9.29 0.17
C ALA F 59 11.91 -8.35 -0.94
N SER F 60 12.53 -7.17 -1.12
CA SER F 60 12.13 -6.23 -2.19
C SER F 60 12.46 -6.80 -3.56
N ALA F 61 13.71 -7.21 -3.76
CA ALA F 61 14.11 -7.82 -5.03
C ALA F 61 13.36 -9.15 -5.31
N LEU F 62 12.91 -9.84 -4.27
CA LEU F 62 12.12 -11.09 -4.44
C LEU F 62 10.60 -10.90 -4.42
N GLY F 63 10.14 -9.71 -4.00
CA GLY F 63 8.74 -9.34 -4.09
C GLY F 63 7.92 -9.98 -3.01
N LEU F 64 8.39 -9.83 -1.79
CA LEU F 64 7.76 -10.39 -0.61
C LEU F 64 7.44 -9.20 0.34
N HIS F 65 6.22 -8.67 0.20
CA HIS F 65 5.70 -7.56 1.03
C HIS F 65 5.60 -8.01 2.51
N ASP F 66 5.10 -9.23 2.72
CA ASP F 66 4.85 -9.77 4.07
C ASP F 66 6.07 -10.31 4.83
N TYR F 67 7.26 -10.34 4.20
CA TYR F 67 8.43 -11.06 4.77
C TYR F 67 8.89 -10.49 6.10
N HIS F 68 9.01 -9.16 6.21
CA HIS F 68 9.52 -8.56 7.46
C HIS F 68 8.48 -8.39 8.56
N ASP F 69 7.20 -8.49 8.22
CA ASP F 69 6.16 -8.56 9.25
C ASP F 69 6.11 -9.97 9.88
N ILE F 70 6.38 -11.00 9.06
CA ILE F 70 6.43 -12.42 9.50
C ILE F 70 7.79 -12.81 10.15
N ILE F 71 8.88 -12.31 9.58
CA ILE F 71 10.21 -12.56 10.09
C ILE F 71 10.66 -11.32 10.78
N LYS F 72 10.45 -11.31 12.10
CA LYS F 72 10.79 -10.19 12.95
C LYS F 72 12.29 -9.98 12.89
N HIS F 73 13.06 -11.01 13.27
CA HIS F 73 14.52 -10.90 13.39
C HIS F 73 15.26 -11.64 12.26
N PRO F 74 15.62 -10.89 11.20
CA PRO F 74 16.27 -11.54 10.07
C PRO F 74 17.60 -12.15 10.48
N MET F 75 18.02 -13.21 9.78
CA MET F 75 19.35 -13.81 9.97
C MET F 75 19.94 -14.53 8.74
N ASP F 76 21.27 -14.43 8.61
CA ASP F 76 22.00 -14.98 7.48
C ASP F 76 23.42 -15.13 7.91
N LEU F 77 24.17 -15.89 7.12
CA LEU F 77 25.54 -16.26 7.47
C LEU F 77 26.56 -15.10 7.46
N SER F 78 26.47 -14.19 6.48
CA SER F 78 27.32 -13.00 6.45
C SER F 78 27.13 -12.18 7.73
N THR F 79 25.87 -12.02 8.16
CA THR F 79 25.53 -11.32 9.42
C THR F 79 26.06 -12.07 10.65
N VAL F 80 26.00 -13.41 10.60
CA VAL F 80 26.61 -14.26 11.62
C VAL F 80 28.13 -14.04 11.64
N LYS F 81 28.74 -13.91 10.46
CA LYS F 81 30.17 -13.55 10.35
C LYS F 81 30.49 -12.15 10.89
N ARG F 82 29.62 -11.17 10.62
CA ARG F 82 29.75 -9.81 11.16
C ARG F 82 29.62 -9.75 12.70
N LYS F 83 28.67 -10.51 13.26
CA LYS F 83 28.52 -10.59 14.72
C LYS F 83 29.75 -11.24 15.41
N MET F 84 30.37 -12.24 14.74
CA MET F 84 31.57 -12.93 15.26
C MET F 84 32.77 -11.99 15.29
N GLU F 85 33.10 -11.43 14.12
CA GLU F 85 34.23 -10.49 13.99
C GLU F 85 34.13 -9.36 15.02
N ASN F 86 32.93 -8.82 15.20
CA ASN F 86 32.58 -7.96 16.35
C ASN F 86 32.94 -8.48 17.77
N ARG F 87 33.20 -9.79 17.92
CA ARG F 87 33.29 -10.47 19.22
C ARG F 87 32.03 -10.16 20.08
N ASP F 88 30.86 -10.17 19.41
CA ASP F 88 29.56 -9.98 20.09
C ASP F 88 29.06 -11.30 20.70
N TYR F 89 29.35 -12.42 20.03
CA TYR F 89 28.96 -13.72 20.55
C TYR F 89 29.79 -14.12 21.78
N ARG F 90 29.39 -13.56 22.92
CA ARG F 90 29.86 -13.99 24.21
C ARG F 90 29.13 -15.30 24.47
N ASP F 91 29.86 -16.42 24.40
CA ASP F 91 29.35 -17.80 24.64
C ASP F 91 28.71 -18.44 23.36
N ALA F 92 28.75 -19.77 23.31
CA ALA F 92 28.40 -20.55 22.11
C ALA F 92 26.90 -20.70 21.81
N GLN F 93 26.06 -20.59 22.85
CA GLN F 93 24.58 -20.63 22.66
C GLN F 93 24.05 -19.52 21.77
N GLU F 94 24.52 -18.29 21.99
CA GLU F 94 24.14 -17.12 21.17
C GLU F 94 24.52 -17.21 19.68
N PHE F 95 25.65 -17.89 19.39
CA PHE F 95 26.03 -18.19 18.01
C PHE F 95 25.07 -19.22 17.45
N ALA F 96 24.80 -20.26 18.23
CA ALA F 96 23.90 -21.34 17.82
C ALA F 96 22.47 -20.85 17.61
N ALA F 97 21.97 -19.96 18.49
CA ALA F 97 20.58 -19.44 18.39
C ALA F 97 20.36 -18.66 17.10
N ASP F 98 21.40 -17.93 16.65
CA ASP F 98 21.36 -17.17 15.39
C ASP F 98 21.49 -18.02 14.10
N VAL F 99 22.33 -19.06 14.11
CA VAL F 99 22.38 -19.98 12.96
C VAL F 99 21.05 -20.71 12.88
N ARG F 100 20.57 -21.15 14.03
CA ARG F 100 19.24 -21.78 14.12
C ARG F 100 18.06 -20.83 13.74
N LEU F 101 18.14 -19.56 14.15
CA LEU F 101 17.13 -18.55 13.81
C LEU F 101 17.00 -18.37 12.26
N MET F 102 18.13 -18.17 11.59
CA MET F 102 18.20 -18.12 10.12
C MET F 102 17.44 -19.28 9.49
N PHE F 103 17.66 -20.49 10.01
CA PHE F 103 16.97 -21.69 9.55
C PHE F 103 15.51 -21.66 9.98
N SER F 104 15.22 -21.33 11.23
CA SER F 104 13.83 -21.25 11.74
C SER F 104 12.99 -20.17 11.02
N ASN F 105 13.63 -19.08 10.59
CA ASN F 105 13.02 -18.08 9.70
C ASN F 105 12.58 -18.70 8.38
N CYS F 106 13.48 -19.47 7.79
CA CYS F 106 13.20 -20.11 6.51
C CYS F 106 12.07 -21.14 6.65
N TYR F 107 11.94 -21.82 7.79
CA TYR F 107 10.84 -22.80 7.95
C TYR F 107 9.53 -22.10 8.27
N LYS F 108 9.63 -21.00 9.05
CA LYS F 108 8.49 -20.19 9.43
C LYS F 108 7.86 -19.50 8.22
N TYR F 109 8.69 -18.92 7.35
CA TYR F 109 8.20 -18.17 6.20
C TYR F 109 7.64 -19.04 5.06
N ASN F 110 8.30 -20.16 4.80
CA ASN F 110 8.02 -20.96 3.61
C ASN F 110 7.18 -22.20 3.89
N PRO F 111 6.44 -22.67 2.86
CA PRO F 111 5.76 -23.97 2.96
C PRO F 111 6.79 -25.11 2.88
N PRO F 112 6.48 -26.30 3.44
CA PRO F 112 7.48 -27.38 3.49
C PRO F 112 8.01 -27.88 2.13
N ASP F 113 7.17 -27.86 1.10
CA ASP F 113 7.55 -28.39 -0.23
C ASP F 113 8.37 -27.43 -1.15
N HIS F 114 8.55 -26.16 -0.77
CA HIS F 114 9.44 -25.25 -1.53
C HIS F 114 10.89 -25.76 -1.45
N ASP F 115 11.68 -25.44 -2.47
CA ASP F 115 13.06 -25.94 -2.58
C ASP F 115 13.98 -25.45 -1.48
N VAL F 116 13.81 -24.19 -1.09
CA VAL F 116 14.66 -23.51 -0.07
C VAL F 116 14.51 -24.06 1.38
N VAL F 117 13.41 -24.74 1.68
CA VAL F 117 13.27 -25.49 2.94
C VAL F 117 14.08 -26.79 2.85
N ALA F 118 14.09 -27.46 1.70
CA ALA F 118 15.00 -28.58 1.44
C ALA F 118 16.47 -28.19 1.60
N MET F 119 16.86 -27.06 1.02
CA MET F 119 18.26 -26.57 1.10
C MET F 119 18.66 -26.15 2.51
N ALA F 120 17.75 -25.50 3.23
CA ALA F 120 17.92 -25.20 4.67
C ALA F 120 18.17 -26.50 5.47
N ARG F 121 17.37 -27.52 5.18
CA ARG F 121 17.47 -28.80 5.85
C ARG F 121 18.80 -29.52 5.57
N LYS F 122 19.27 -29.46 4.33
CA LYS F 122 20.59 -30.01 3.97
C LYS F 122 21.76 -29.26 4.63
N LEU F 123 21.63 -27.95 4.84
CA LEU F 123 22.66 -27.14 5.50
C LEU F 123 22.60 -27.28 7.00
N GLN F 124 21.38 -27.37 7.56
CA GLN F 124 21.20 -27.60 9.00
C GLN F 124 21.64 -29.03 9.41
N ASP F 125 21.56 -30.00 8.49
CA ASP F 125 22.13 -31.32 8.75
C ASP F 125 23.64 -31.12 8.97
N VAL F 126 24.31 -30.47 8.01
CA VAL F 126 25.74 -30.10 8.15
C VAL F 126 26.02 -29.34 9.43
N PHE F 127 25.30 -28.24 9.66
CA PHE F 127 25.48 -27.47 10.87
C PHE F 127 25.38 -28.28 12.18
N GLU F 128 24.29 -29.05 12.30
CA GLU F 128 23.96 -29.77 13.54
C GLU F 128 24.92 -30.92 13.87
N PHE F 129 25.25 -31.75 12.87
CA PHE F 129 26.23 -32.86 13.06
C PHE F 129 27.69 -32.42 13.15
N ARG F 130 27.99 -31.13 13.00
CA ARG F 130 29.29 -30.57 13.38
C ARG F 130 29.28 -29.66 14.62
N TYR F 131 28.12 -29.10 14.97
CA TYR F 131 27.97 -28.40 16.27
C TYR F 131 27.82 -29.42 17.42
N ALA F 132 27.20 -30.56 17.14
CA ALA F 132 27.12 -31.67 18.11
C ALA F 132 28.51 -32.22 18.48
N LYS F 133 29.42 -32.28 17.50
CA LYS F 133 30.83 -32.71 17.70
C LYS F 133 31.77 -31.55 18.19
N MET F 134 31.34 -30.79 19.18
CA MET F 134 32.08 -29.62 19.71
C MET F 134 32.51 -29.89 21.18
N PRO F 135 33.80 -29.63 21.52
CA PRO F 135 34.27 -29.71 22.92
C PRO F 135 33.72 -28.63 23.85
CBC JGR G . -18.80 -5.25 -6.39
CAX JGR G . -19.49 -4.64 -7.43
CAY JGR G . -19.17 -4.98 -8.75
CAZ JGR G . -19.86 -4.42 -9.83
FBS JGR G . -19.46 -4.77 -11.27
CBA JGR G . -20.90 -3.50 -9.59
CBB JGR G . -21.25 -3.17 -8.29
CBD JGR G . -22.28 -2.29 -8.02
CAW JGR G . -20.55 -3.75 -7.23
OAV JGR G . -20.95 -3.43 -5.96
CAO JGR G . -20.37 -2.39 -5.34
CAN JGR G . -19.49 -1.53 -5.98
CAM JGR G . -18.91 -0.47 -5.30
CAL JGR G . -19.17 -0.28 -3.97
NAP JGR G . -18.50 0.79 -3.45
SAQ JGR G . -18.76 1.26 -1.88
OAR JGR G . -20.27 1.33 -1.57
OAS JGR G . -18.05 2.54 -1.67
CAT JGR G . -18.05 0.02 -0.73
CAU JGR G . -16.56 -0.18 -1.01
CAK JGR G . -20.07 -1.16 -3.32
CAJ JGR G . -20.70 -2.23 -3.99
CAF JGR G . -21.56 -3.11 -3.29
CAE JGR G . -21.11 -3.84 -2.19
NAD JGR G . -21.95 -4.72 -1.49
CBQ JGR G . -21.42 -5.42 -0.30
CAC JGR G . -23.22 -4.87 -1.89
OBR JGR G . -23.92 -5.66 -1.23
CAB JGR G . -23.65 -4.17 -2.99
CAI JGR G . -24.84 -4.10 -3.64
CAA JGR G . -22.81 -3.32 -3.66
OAG JGR G . -23.43 -2.78 -4.65
CAH JGR G . -24.72 -3.23 -4.67
CBE JGR G . -25.58 -2.86 -5.66
CBJ JGR G . -26.69 -3.64 -5.97
CBI JGR G . -27.53 -3.33 -7.03
CBO JGR G . -28.65 -4.14 -7.28
CBF JGR G . -25.32 -1.76 -6.50
CBG JGR G . -26.17 -1.41 -7.57
CBP JGR G . -25.93 -0.32 -8.39
CBH JGR G . -27.26 -2.21 -7.81
OBK JGR G . -28.07 -1.90 -8.85
CBL JGR G . -29.24 -1.18 -8.47
CBM JGR G . -30.16 -1.16 -9.70
OBN JGR G . -29.41 -0.64 -10.78
C1 EDO H . -33.44 1.41 -5.65
O1 EDO H . -33.86 1.51 -4.29
C2 EDO H . -32.60 0.15 -5.83
O2 EDO H . -33.48 -1.00 -5.83
C1 PEG I . -8.09 3.40 13.19
O1 PEG I . -8.39 2.93 14.52
C2 PEG I . -8.77 2.62 12.03
O2 PEG I . -9.21 3.53 10.98
C3 PEG I . -10.32 3.09 10.09
C4 PEG I . -10.00 2.97 8.59
O4 PEG I . -10.97 3.67 7.85
CBC JGR J . -15.23 -1.33 -11.81
CAX JGR J . -14.83 -2.57 -11.29
CAY JGR J . -15.72 -3.64 -11.42
CAZ JGR J . -15.39 -4.91 -10.95
FBS JGR J . -16.28 -5.88 -11.11
CBA JGR J . -14.16 -5.13 -10.32
CBB JGR J . -13.26 -4.06 -10.17
CBD JGR J . -12.01 -4.26 -9.55
CAW JGR J . -13.61 -2.80 -10.65
OAV JGR J . -12.73 -1.79 -10.53
CAO JGR J . -12.81 -0.88 -9.50
CAN JGR J . -13.47 -1.17 -8.31
CAM JGR J . -13.52 -0.27 -7.26
CAL JGR J . -12.91 0.97 -7.37
NAP JGR J . -13.05 1.78 -6.30
SAQ JGR J . -12.14 3.14 -6.08
OAR JGR J . -10.67 2.96 -6.39
OAS JGR J . -12.38 3.55 -4.64
CAT JGR J . -12.78 4.54 -7.05
CAU JGR J . -14.31 4.59 -6.96
CAK JGR J . -12.24 1.27 -8.60
CAJ JGR J . -12.17 0.36 -9.67
CAF JGR J . -11.48 0.72 -10.87
CAE JGR J . -11.75 1.93 -11.50
NAD JGR J . -11.06 2.32 -12.67
CBQ JGR J . -11.39 3.62 -13.28
CAC JGR J . -10.12 1.49 -13.19
OBR JGR J . -9.53 1.86 -14.23
CAB JGR J . -9.86 0.31 -12.54
CAI JGR J . -8.99 -0.72 -12.80
CAA JGR J . -10.54 -0.04 -11.43
OAG JGR J . -10.11 -1.26 -11.01
CAH JGR J . -9.15 -1.69 -11.86
CBE JGR J . -8.52 -2.90 -11.68
CBJ JGR J . -7.88 -3.57 -12.73
CBI JGR J . -7.26 -4.82 -12.54
CBO JGR J . -6.64 -5.41 -13.65
CBF JGR J . -8.51 -3.54 -10.42
CBG JGR J . -7.89 -4.79 -10.19
CBP JGR J . -7.88 -5.38 -8.92
CBH JGR J . -7.28 -5.43 -11.25
OBK JGR J . -6.64 -6.62 -11.00
CBL JGR J . -7.44 -7.80 -11.08
CBM JGR J . -6.50 -9.02 -11.00
OBN JGR J . -5.40 -8.72 -10.12
C1 EDO K . -4.02 6.45 -5.78
O1 EDO K . -5.09 7.18 -5.14
C2 EDO K . -3.55 5.30 -4.91
O2 EDO K . -2.79 5.86 -3.85
CBC JGR L . -0.34 19.78 10.41
CAX JGR L . -1.46 20.58 10.75
CAY JGR L . -1.56 21.13 12.05
CAZ JGR L . -2.65 21.91 12.40
FBS JGR L . -2.77 22.42 13.58
CBA JGR L . -3.66 22.15 11.48
CBB JGR L . -3.60 21.60 10.20
CBD JGR L . -4.64 21.89 9.31
CAW JGR L . -2.51 20.83 9.85
OAV JGR L . -2.43 20.36 8.58
CAO JGR L . -2.87 19.13 8.26
CAN JGR L . -3.74 18.40 9.08
CAM JGR L . -4.19 17.15 8.74
CAL JGR L . -3.80 16.58 7.54
NAP JGR L . -4.29 15.33 7.31
SAQ JGR L . -4.19 14.64 5.89
OAR JGR L . -4.65 15.63 4.81
OAS JGR L . -5.10 13.45 5.91
CAT JGR L . -2.49 14.03 5.57
CAU JGR L . -1.96 13.29 6.80
CAK JGR L . -2.91 17.32 6.70
CAJ JGR L . -2.43 18.60 7.03
CAF JGR L . -1.53 19.29 6.16
CAE JGR L . -0.38 18.64 5.73
NAD JGR L . 0.54 19.30 4.89
CBQ JGR L . 1.75 18.58 4.45
CAC JGR L . 0.29 20.56 4.50
OBR JGR L . 1.13 21.10 3.77
CAB JGR L . -0.84 21.17 4.92
CAI JGR L . -1.37 22.40 4.73
CAA JGR L . -1.70 20.54 5.74
OAG JGR L . -2.67 21.31 6.01
CAH JGR L . -2.52 22.49 5.41
CBE JGR L . -3.40 23.52 5.58
CBJ JGR L . -3.04 24.85 5.40
CBI JGR L . -3.94 25.91 5.66
CBO JGR L . -3.52 27.23 5.44
CBF JGR L . -4.70 23.28 6.10
CBG JGR L . -5.63 24.32 6.36
CBP JGR L . -6.92 24.07 6.80
CBH JGR L . -5.24 25.63 6.14
OBK JGR L . -6.16 26.63 6.36
CBL JGR L . -6.09 27.25 7.67
CBM JGR L . -7.18 28.33 7.68
OBN JGR L . -7.77 28.32 6.36
CBC JGR M . -5.09 17.72 16.23
CAX JGR M . -3.70 17.64 16.28
CAY JGR M . -2.95 18.80 16.08
CAZ JGR M . -1.54 18.80 16.15
FBS JGR M . -0.82 20.03 15.94
CBA JGR M . -0.84 17.62 16.38
CBB JGR M . -1.57 16.43 16.55
CBD JGR M . -0.91 15.24 16.79
CAW JGR M . -2.97 16.46 16.50
OAV JGR M . -3.64 15.29 16.69
CAO JGR M . -3.93 14.49 15.62
CAN JGR M . -3.34 14.57 14.35
CAM JGR M . -3.68 13.72 13.32
CAL JGR M . -4.66 12.76 13.54
NAP JGR M . -4.96 12.01 12.46
SAQ JGR M . -5.94 10.73 12.62
OAR JGR M . -5.49 9.88 13.81
OAS JGR M . -5.82 9.97 11.32
CAT JGR M . -7.68 11.27 12.81
CAU JGR M . -8.14 12.09 11.61
CAK JGR M . -5.26 12.66 14.83
CAJ JGR M . -4.89 13.53 15.88
CAF JGR M . -5.50 13.44 17.15
CAE JGR M . -6.88 13.49 17.23
NAD JGR M . -7.48 13.40 18.47
CBQ JGR M . -8.98 13.46 18.44
CAC JGR M . -6.73 13.25 19.61
OBR JGR M . -7.35 13.17 20.69
CAB JGR M . -5.35 13.19 19.53
CAI JGR M . -4.34 13.04 20.46
CAA JGR M . -4.79 13.30 18.29
OAG JGR M . -3.42 13.22 18.40
CAH JGR M . -3.15 13.06 19.81
CBE JGR M . -1.85 12.97 20.25
CBJ JGR M . -1.49 13.18 21.55
CBI JGR M . -0.17 13.14 21.97
CBO JGR M . 0.17 13.35 23.33
CBF JGR M . -0.81 12.72 19.32
CBG JGR M . 0.53 12.65 19.70
CBP JGR M . 1.56 12.38 18.79
CBH JGR M . 0.83 12.88 21.05
OBK JGR M . 2.11 12.80 21.48
CBL JGR M . 2.78 14.07 21.38
CBM JGR M . 4.30 13.90 21.65
OBN JGR M . 4.66 12.52 21.91
C1 PEG N . -19.83 5.30 4.26
O1 PEG N . -21.26 5.12 4.40
C2 PEG N . -19.38 6.25 5.37
O2 PEG N . -17.95 6.18 5.67
C3 PEG N . -17.48 7.24 6.51
C4 PEG N . -16.07 7.41 6.11
O4 PEG N . -15.83 6.16 5.50
CBC JGR O . 18.42 -19.84 -10.47
CAX JGR O . 18.90 -20.82 -9.60
CAY JGR O . 17.98 -21.72 -9.03
CAZ JGR O . 18.42 -22.73 -8.15
FBS JGR O . 17.49 -23.75 -7.50
CBA JGR O . 19.77 -22.82 -7.82
CBB JGR O . 20.69 -21.95 -8.35
CBD JGR O . 22.03 -22.11 -7.98
CAW JGR O . 20.25 -20.93 -9.23
OAV JGR O . 21.16 -20.07 -9.79
CAO JGR O . 21.66 -18.97 -9.13
CAN JGR O . 21.38 -18.67 -7.80
CAM JGR O . 21.93 -17.53 -7.21
CAL JGR O . 22.76 -16.68 -7.94
NAP JGR O . 23.22 -15.63 -7.24
SAQ JGR O . 23.91 -14.41 -7.95
OAR JGR O . 25.23 -14.78 -8.60
OAS JGR O . 24.20 -13.44 -6.85
CAT JGR O . 22.89 -13.59 -9.25
CAU JGR O . 21.50 -13.23 -8.69
CAK JGR O . 23.06 -16.99 -9.28
CAJ JGR O . 22.52 -18.14 -9.88
CAF JGR O . 22.79 -18.45 -11.22
CAE JGR O . 22.42 -17.53 -12.20
NAD JGR O . 22.69 -17.86 -13.56
CBQ JGR O . 22.31 -16.88 -14.63
CAC JGR O . 23.26 -19.04 -13.88
OBR JGR O . 23.47 -19.30 -15.07
CAB JGR O . 23.60 -19.91 -12.89
CAI JGR O . 24.17 -21.13 -12.89
CAA JGR O . 23.36 -19.60 -11.60
OAG JGR O . 23.75 -20.59 -10.86
CAH JGR O . 24.30 -21.54 -11.62
CBE JGR O . 24.76 -22.71 -11.10
CBJ JGR O . 24.92 -23.88 -11.86
CBI JGR O . 25.34 -25.08 -11.25
CBO JGR O . 25.50 -26.25 -12.01
CBF JGR O . 24.99 -22.76 -9.72
CBG JGR O . 25.41 -23.93 -9.08
CBP JGR O . 25.66 -23.95 -7.69
CBH JGR O . 25.59 -25.07 -9.87
OBK JGR O . 25.96 -26.22 -9.25
CBL JGR O . 27.29 -26.69 -9.21
CBM JGR O . 27.23 -28.12 -8.62
OBN JGR O . 27.47 -28.06 -7.21
CBC JGR P . 16.60 -20.83 -3.17
CAX JGR P . 15.66 -20.42 -4.14
CAY JGR P . 15.47 -21.17 -5.31
CAZ JGR P . 14.55 -20.77 -6.30
FBS JGR P . 14.36 -21.53 -7.48
CBA JGR P . 13.81 -19.61 -6.11
CBB JGR P . 13.98 -18.83 -4.95
CBD JGR P . 13.20 -17.68 -4.84
CAW JGR P . 14.90 -19.24 -3.97
OAV JGR P . 15.07 -18.48 -2.85
CAO JGR P . 15.98 -17.43 -2.86
CAN JGR P . 16.66 -17.03 -4.00
CAM JGR P . 17.56 -15.98 -3.97
CAL JGR P . 17.81 -15.28 -2.79
NAP JGR P . 18.73 -14.30 -2.91
SAQ JGR P . 19.00 -13.24 -1.77
OAR JGR P . 17.67 -12.65 -1.33
OAS JGR P . 19.88 -12.18 -2.43
CAT JGR P . 19.91 -13.87 -0.34
CAU JGR P . 20.97 -14.92 -0.73
CAK JGR P . 17.12 -15.66 -1.63
CAJ JGR P . 16.20 -16.72 -1.65
CAF JGR P . 15.54 -17.07 -0.48
CAE JGR P . 16.26 -17.37 0.67
NAD JGR P . 15.59 -17.74 1.84
CBQ JGR P . 16.47 -18.02 3.00
CAC JGR P . 14.22 -17.82 1.85
OBR JGR P . 13.59 -18.15 2.88
CAB JGR P . 13.53 -17.51 0.70
CAI JGR P . 12.19 -17.49 0.42
CAA JGR P . 14.21 -17.14 -0.42
OAG JGR P . 13.31 -16.90 -1.39
CAH JGR P . 12.01 -17.09 -0.85
CBE JGR P . 10.89 -16.99 -1.62
CBJ JGR P . 9.68 -17.59 -1.27
CBI JGR P . 8.56 -17.55 -2.10
CBO JGR P . 7.37 -18.14 -1.68
CBF JGR P . 10.98 -16.39 -2.87
CBG JGR P . 9.88 -16.33 -3.75
CBP JGR P . 10.00 -15.68 -4.98
CBH JGR P . 8.68 -16.90 -3.33
OBK JGR P . 7.60 -16.85 -4.17
CBL JGR P . 6.58 -15.90 -3.87
CBM JGR P . 5.30 -16.44 -4.52
OBN JGR P . 5.55 -16.64 -5.94
#